data_9EXA
#
_entry.id   9EXA
#
_cell.length_a   1.00
_cell.length_b   1.00
_cell.length_c   1.00
_cell.angle_alpha   90.00
_cell.angle_beta   90.00
_cell.angle_gamma   90.00
#
_symmetry.space_group_name_H-M   'P 1'
#
loop_
_entity.id
_entity.type
_entity.pdbx_description
1 polymer 'Membrane protein'
2 polymer 'Fab-B light chain'
3 polymer 'Fab-B heavy chain'
4 non-polymer 6-[[1-[4,6-dimethyl-5-(2-methylpropyl)pyrimidin-2-yl]piperidin-4-yl]-methyl-amino]-N-(2-pyrrolidin-1-ylethyl)pyridazine-4-carboxamide
#
loop_
_entity_poly.entity_id
_entity_poly.type
_entity_poly.pdbx_seq_one_letter_code
_entity_poly.pdbx_strand_id
1 'polypeptide(L)'
;LEQWNLVIGFLFLTWICLLQFAYANRNRFLYIIKLIFLWLLWPVTLACFVLAAVYRINWITGGIAIAMACLVGLMWLSYF
IASFRLFARTRSMWSFNPETNILLNVPLHGTILTRPLLESELVIGAVILRGHLRIAGHHLGRCDIKDLPKEITVATSRTL
SYYKLGASQRVAGDSGFAAYSRYRIGNY
;
A,B
2 'polypeptide(L)'
;DIVMTQSPASLAVSLGQRATISCKASQSIDYDGDNYMNWYQQKPGQPPKLLIYTTSNLESGIPARFSGSGSGTDFTLNIH
PVEEGDAATYYCQQNNEDPYTFGGGTKLEIKRADAAPTVSIFPPSSEQLTSGGASVVCFLNNFYPKDINVKWKIDGSERQ
NGVLNSWTDQDSKDSTYSMSSTLTLTKDEYERHNSYTCEATHKTSTSPIVKSFNRNEC
;
C,E
3 'polypeptide(L)'
;EVQLQQSGPELVKPGASMKISCKTSGYSFTGYTMNWVKQSHGKNLEWIGLINPYNGDTSYNQKFKGKATLTVDKSSSTAY
MELLSLTSEDSAVYYCEVINTYWGQGTLVTVSAAKTTPPSVYPLAPGSAAQTNSMVTLGCLVKGYFPEPVTVTWNSGSLS
SGVHTFPAVLQSDLYTLSSSVTVPSSTWPSETVTCNVAHPASSTKVDKKIVPR
;
D,F
#
loop_
_chem_comp.id
_chem_comp.type
_chem_comp.name
_chem_comp.formula
A1H7W non-polymer 6-[[1-[4,6-dimethyl-5-(2-methylpropyl)pyrimidin-2-yl]piperidin-4-yl]-methyl-amino]-N-(2-pyrrolidin-1-ylethyl)pyridazine-4-carboxamide 'C27 H42 N8 O'
#
# COMPACT_ATOMS: atom_id res chain seq x y z
N LEU A 1 -63.55 -10.53 -15.38
CA LEU A 1 -63.43 -11.40 -16.54
C LEU A 1 -62.00 -11.38 -17.07
N GLU A 2 -61.71 -10.42 -17.96
CA GLU A 2 -60.38 -10.26 -18.52
C GLU A 2 -59.65 -9.04 -17.96
N GLN A 3 -60.29 -8.28 -17.06
CA GLN A 3 -59.62 -7.14 -16.46
C GLN A 3 -58.40 -7.60 -15.65
N TRP A 4 -58.54 -8.70 -14.92
CA TRP A 4 -57.43 -9.23 -14.14
C TRP A 4 -56.23 -9.53 -15.03
N ASN A 5 -56.47 -10.15 -16.19
CA ASN A 5 -55.39 -10.47 -17.11
C ASN A 5 -54.71 -9.21 -17.62
N LEU A 6 -55.50 -8.18 -17.96
CA LEU A 6 -54.91 -6.95 -18.48
C LEU A 6 -54.07 -6.25 -17.41
N VAL A 7 -54.58 -6.17 -16.19
CA VAL A 7 -53.80 -5.53 -15.13
C VAL A 7 -52.54 -6.34 -14.83
N ILE A 8 -52.63 -7.67 -14.92
CA ILE A 8 -51.44 -8.50 -14.73
C ILE A 8 -50.41 -8.21 -15.81
N GLY A 9 -50.86 -8.09 -17.06
CA GLY A 9 -49.94 -7.74 -18.13
C GLY A 9 -49.28 -6.39 -17.92
N PHE A 10 -50.06 -5.39 -17.49
CA PHE A 10 -49.49 -4.09 -17.19
C PHE A 10 -48.48 -4.18 -16.05
N LEU A 11 -48.79 -4.99 -15.04
CA LEU A 11 -47.87 -5.16 -13.92
C LEU A 11 -46.56 -5.78 -14.37
N PHE A 12 -46.63 -6.80 -15.22
CA PHE A 12 -45.42 -7.42 -15.74
C PHE A 12 -44.62 -6.45 -16.59
N LEU A 13 -45.31 -5.64 -17.40
CA LEU A 13 -44.60 -4.64 -18.19
C LEU A 13 -43.89 -3.64 -17.30
N THR A 14 -44.56 -3.18 -16.25
CA THR A 14 -43.94 -2.24 -15.31
C THR A 14 -42.74 -2.88 -14.61
N TRP A 15 -42.87 -4.14 -14.22
CA TRP A 15 -41.76 -4.82 -13.58
C TRP A 15 -40.57 -4.95 -14.54
N ILE A 16 -40.83 -5.25 -15.80
CA ILE A 16 -39.75 -5.34 -16.79
C ILE A 16 -39.09 -3.98 -16.95
N CYS A 17 -39.88 -2.92 -17.05
CA CYS A 17 -39.31 -1.59 -17.23
C CYS A 17 -38.44 -1.20 -16.03
N LEU A 18 -38.92 -1.47 -14.81
CA LEU A 18 -38.11 -1.18 -13.63
C LEU A 18 -36.85 -2.03 -13.60
N LEU A 19 -36.98 -3.31 -13.96
CA LEU A 19 -35.83 -4.21 -13.94
C LEU A 19 -34.74 -3.76 -14.89
N GLN A 20 -35.12 -3.36 -16.11
CA GLN A 20 -34.15 -3.02 -17.14
C GLN A 20 -33.58 -1.62 -16.96
N PHE A 21 -34.18 -0.79 -16.12
CA PHE A 21 -33.69 0.55 -15.84
C PHE A 21 -33.13 0.70 -14.44
N ALA A 22 -33.77 0.11 -13.43
CA ALA A 22 -33.27 0.22 -12.07
C ALA A 22 -31.99 -0.58 -11.87
N TYR A 23 -31.73 -1.58 -12.69
CA TYR A 23 -30.49 -2.34 -12.58
C TYR A 23 -29.28 -1.49 -12.98
N ALA A 24 -29.37 -0.83 -14.13
CA ALA A 24 -28.27 0.01 -14.59
C ALA A 24 -28.21 1.33 -13.81
N ASN A 25 -29.36 1.92 -13.54
CA ASN A 25 -29.45 3.21 -12.85
C ASN A 25 -30.00 2.99 -11.45
N ARG A 26 -29.37 3.62 -10.46
CA ARG A 26 -29.77 3.51 -9.06
C ARG A 26 -30.26 4.84 -8.52
N ASN A 27 -31.05 5.56 -9.32
CA ASN A 27 -31.64 6.81 -8.86
C ASN A 27 -32.49 6.57 -7.61
N ARG A 28 -32.43 7.51 -6.68
CA ARG A 28 -33.11 7.33 -5.40
C ARG A 28 -34.61 7.17 -5.59
N PHE A 29 -35.22 8.00 -6.45
CA PHE A 29 -36.66 7.92 -6.65
C PHE A 29 -37.05 6.65 -7.40
N LEU A 30 -36.26 6.27 -8.41
CA LEU A 30 -36.50 5.01 -9.10
C LEU A 30 -36.34 3.84 -8.14
N TYR A 31 -35.35 3.91 -7.26
CA TYR A 31 -35.16 2.88 -6.25
C TYR A 31 -36.36 2.78 -5.32
N ILE A 32 -36.91 3.92 -4.91
CA ILE A 32 -38.07 3.92 -4.03
C ILE A 32 -39.28 3.34 -4.76
N ILE A 33 -39.42 3.66 -6.05
CA ILE A 33 -40.52 3.09 -6.83
C ILE A 33 -40.39 1.58 -6.91
N LYS A 34 -39.17 1.09 -7.14
CA LYS A 34 -38.95 -0.35 -7.18
C LYS A 34 -39.27 -1.00 -5.85
N LEU A 35 -38.88 -0.35 -4.75
CA LEU A 35 -39.22 -0.86 -3.42
C LEU A 35 -40.73 -0.93 -3.23
N ILE A 36 -41.45 0.12 -3.65
CA ILE A 36 -42.90 0.12 -3.50
C ILE A 36 -43.53 -1.00 -4.31
N PHE A 37 -43.04 -1.20 -5.54
CA PHE A 37 -43.57 -2.30 -6.36
C PHE A 37 -43.28 -3.65 -5.72
N LEU A 38 -42.08 -3.83 -5.19
CA LEU A 38 -41.73 -5.09 -4.55
C LEU A 38 -42.61 -5.36 -3.34
N TRP A 39 -42.91 -4.30 -2.58
CA TRP A 39 -43.86 -4.44 -1.47
C TRP A 39 -45.24 -4.81 -1.98
N LEU A 40 -45.69 -4.17 -3.06
CA LEU A 40 -47.01 -4.46 -3.61
C LEU A 40 -47.10 -5.89 -4.10
N LEU A 41 -45.97 -6.49 -4.48
CA LEU A 41 -45.98 -7.84 -5.01
C LEU A 41 -46.73 -8.82 -4.11
N TRP A 42 -46.51 -8.73 -2.79
CA TRP A 42 -47.13 -9.69 -1.88
C TRP A 42 -48.66 -9.59 -1.89
N PRO A 43 -49.27 -8.42 -1.68
CA PRO A 43 -50.74 -8.36 -1.74
C PRO A 43 -51.30 -8.79 -3.08
N VAL A 44 -50.56 -8.59 -4.17
CA VAL A 44 -51.02 -9.09 -5.47
C VAL A 44 -51.13 -10.61 -5.44
N THR A 45 -50.12 -11.27 -4.89
CA THR A 45 -50.17 -12.72 -4.78
C THR A 45 -51.31 -13.17 -3.89
N LEU A 46 -51.53 -12.48 -2.77
CA LEU A 46 -52.63 -12.85 -1.88
C LEU A 46 -53.98 -12.68 -2.57
N ALA A 47 -54.16 -11.58 -3.30
CA ALA A 47 -55.40 -11.36 -4.03
C ALA A 47 -55.62 -12.42 -5.09
N CYS A 48 -54.56 -12.77 -5.82
CA CYS A 48 -54.69 -13.82 -6.83
C CYS A 48 -55.09 -15.15 -6.20
N PHE A 49 -54.45 -15.50 -5.08
CA PHE A 49 -54.76 -16.76 -4.43
C PHE A 49 -56.19 -16.79 -3.92
N VAL A 50 -56.65 -15.71 -3.30
CA VAL A 50 -58.01 -15.70 -2.75
C VAL A 50 -59.04 -15.72 -3.87
N LEU A 51 -58.78 -14.98 -4.96
CA LEU A 51 -59.70 -14.99 -6.08
C LEU A 51 -59.77 -16.37 -6.74
N ALA A 52 -58.64 -17.06 -6.83
CA ALA A 52 -58.65 -18.43 -7.33
C ALA A 52 -59.43 -19.35 -6.39
N ALA A 53 -59.27 -19.15 -5.07
CA ALA A 53 -59.92 -20.03 -4.10
C ALA A 53 -61.44 -19.84 -4.12
N VAL A 54 -61.91 -18.60 -4.20
CA VAL A 54 -63.34 -18.35 -4.11
C VAL A 54 -64.08 -18.97 -5.29
N TYR A 55 -63.46 -18.96 -6.48
CA TYR A 55 -64.03 -19.56 -7.67
C TYR A 55 -63.45 -20.95 -7.93
N ARG A 56 -63.16 -21.70 -6.86
CA ARG A 56 -62.55 -23.00 -7.00
C ARG A 56 -63.39 -23.93 -7.86
N ILE A 57 -62.75 -24.58 -8.83
CA ILE A 57 -63.45 -25.57 -9.64
C ILE A 57 -63.76 -26.82 -8.82
N ASN A 58 -62.80 -27.27 -8.02
CA ASN A 58 -62.98 -28.42 -7.15
C ASN A 58 -62.42 -28.11 -5.77
N TRP A 59 -62.70 -29.00 -4.81
CA TRP A 59 -62.32 -28.75 -3.43
C TRP A 59 -60.80 -28.68 -3.28
N ILE A 60 -60.07 -29.56 -3.96
CA ILE A 60 -58.62 -29.62 -3.79
C ILE A 60 -57.97 -28.31 -4.21
N THR A 61 -58.41 -27.74 -5.34
CA THR A 61 -57.83 -26.49 -5.82
C THR A 61 -58.05 -25.37 -4.82
N GLY A 62 -59.28 -25.25 -4.30
CA GLY A 62 -59.56 -24.23 -3.30
C GLY A 62 -58.75 -24.43 -2.03
N GLY A 63 -58.60 -25.69 -1.60
CA GLY A 63 -57.82 -25.95 -0.40
C GLY A 63 -56.37 -25.55 -0.56
N ILE A 64 -55.76 -25.93 -1.68
CA ILE A 64 -54.36 -25.56 -1.89
C ILE A 64 -54.23 -24.06 -2.05
N ALA A 65 -55.20 -23.41 -2.70
CA ALA A 65 -55.14 -21.96 -2.87
C ALA A 65 -55.19 -21.26 -1.52
N ILE A 66 -56.11 -21.67 -0.64
CA ILE A 66 -56.21 -21.04 0.66
C ILE A 66 -54.99 -21.35 1.51
N ALA A 67 -54.42 -22.55 1.39
CA ALA A 67 -53.20 -22.86 2.12
C ALA A 67 -52.05 -21.96 1.68
N MET A 68 -51.91 -21.75 0.37
CA MET A 68 -50.86 -20.85 -0.12
C MET A 68 -51.12 -19.42 0.33
N ALA A 69 -52.39 -19.00 0.34
CA ALA A 69 -52.73 -17.66 0.81
C ALA A 69 -52.33 -17.49 2.27
N CYS A 70 -52.63 -18.49 3.10
CA CYS A 70 -52.26 -18.42 4.52
C CYS A 70 -50.73 -18.39 4.68
N LEU A 71 -50.02 -19.18 3.87
CA LEU A 71 -48.56 -19.18 3.93
C LEU A 71 -48.02 -17.79 3.60
N VAL A 72 -48.52 -17.18 2.52
CA VAL A 72 -48.07 -15.85 2.15
C VAL A 72 -48.42 -14.84 3.24
N GLY A 73 -49.61 -14.98 3.83
CA GLY A 73 -50.01 -14.05 4.88
C GLY A 73 -49.12 -14.13 6.10
N LEU A 74 -48.79 -15.35 6.54
CA LEU A 74 -47.94 -15.47 7.71
C LEU A 74 -46.53 -15.01 7.41
N MET A 75 -46.04 -15.25 6.19
CA MET A 75 -44.73 -14.70 5.81
C MET A 75 -44.74 -13.17 5.85
N TRP A 76 -45.80 -12.57 5.32
CA TRP A 76 -45.92 -11.10 5.34
C TRP A 76 -45.97 -10.59 6.77
N LEU A 77 -46.74 -11.26 7.64
CA LEU A 77 -46.84 -10.81 9.03
C LEU A 77 -45.51 -10.92 9.75
N SER A 78 -44.78 -12.02 9.54
CA SER A 78 -43.48 -12.18 10.18
C SER A 78 -42.49 -11.12 9.70
N TYR A 79 -42.49 -10.85 8.39
CA TYR A 79 -41.60 -9.82 7.87
C TYR A 79 -41.98 -8.45 8.42
N PHE A 80 -43.27 -8.18 8.57
CA PHE A 80 -43.70 -6.93 9.19
C PHE A 80 -43.23 -6.83 10.63
N ILE A 81 -43.29 -7.93 11.37
CA ILE A 81 -42.82 -7.92 12.76
C ILE A 81 -41.34 -7.60 12.82
N ALA A 82 -40.54 -8.25 11.96
CA ALA A 82 -39.12 -7.98 11.94
C ALA A 82 -38.85 -6.53 11.54
N SER A 83 -39.58 -6.02 10.57
CA SER A 83 -39.40 -4.65 10.12
C SER A 83 -39.72 -3.66 11.24
N PHE A 84 -40.78 -3.92 12.00
CA PHE A 84 -41.12 -3.03 13.09
C PHE A 84 -40.09 -3.11 14.20
N ARG A 85 -39.53 -4.29 14.45
CA ARG A 85 -38.45 -4.40 15.43
C ARG A 85 -37.24 -3.58 15.00
N LEU A 86 -36.88 -3.68 13.72
CA LEU A 86 -35.77 -2.89 13.20
C LEU A 86 -36.05 -1.40 13.30
N PHE A 87 -37.28 -0.98 12.99
CA PHE A 87 -37.62 0.44 13.12
C PHE A 87 -37.52 0.89 14.56
N ALA A 88 -38.00 0.08 15.50
CA ALA A 88 -37.91 0.43 16.90
C ALA A 88 -36.45 0.61 17.30
N ARG A 89 -35.58 -0.29 16.84
CA ARG A 89 -34.17 -0.16 17.15
C ARG A 89 -33.58 1.11 16.57
N THR A 90 -33.78 1.34 15.28
CA THR A 90 -33.11 2.41 14.56
C THR A 90 -33.97 3.66 14.37
N ARG A 91 -35.28 3.58 14.59
CA ARG A 91 -36.21 4.67 14.35
C ARG A 91 -35.87 5.41 13.05
N SER A 92 -35.78 4.64 11.97
CA SER A 92 -35.62 5.16 10.62
C SER A 92 -36.68 4.51 9.73
N MET A 93 -37.26 5.31 8.83
CA MET A 93 -38.32 4.81 7.97
C MET A 93 -37.81 3.86 6.88
N TRP A 94 -36.49 3.74 6.73
CA TRP A 94 -35.94 2.79 5.77
C TRP A 94 -36.09 1.35 6.22
N SER A 95 -36.34 1.14 7.52
CA SER A 95 -36.46 -0.21 8.07
C SER A 95 -37.66 -0.96 7.53
N PHE A 96 -38.60 -0.28 6.89
CA PHE A 96 -39.79 -0.92 6.33
C PHE A 96 -39.62 -1.26 4.86
N ASN A 97 -38.38 -1.25 4.36
CA ASN A 97 -38.13 -1.65 2.98
C ASN A 97 -38.41 -3.14 2.80
N PRO A 98 -39.08 -3.54 1.72
CA PRO A 98 -39.36 -4.96 1.50
C PRO A 98 -38.15 -5.80 1.16
N GLU A 99 -36.98 -5.18 0.94
CA GLU A 99 -35.83 -5.95 0.52
C GLU A 99 -35.28 -6.82 1.64
N THR A 100 -35.13 -6.25 2.84
CA THR A 100 -34.45 -6.96 3.93
C THR A 100 -34.61 -6.14 5.21
N ASN A 101 -33.95 -6.61 6.26
CA ASN A 101 -34.00 -5.99 7.59
C ASN A 101 -32.61 -5.61 8.08
N ILE A 102 -31.74 -5.19 7.16
CA ILE A 102 -30.41 -4.69 7.49
C ILE A 102 -30.24 -3.32 6.86
N LEU A 103 -29.76 -2.36 7.64
CA LEU A 103 -29.61 -0.99 7.19
C LEU A 103 -28.14 -0.60 7.19
N LEU A 104 -27.74 0.20 6.19
CA LEU A 104 -26.38 0.68 6.06
C LEU A 104 -26.39 2.20 6.22
N ASN A 105 -25.87 2.69 7.34
CA ASN A 105 -25.74 4.12 7.58
C ASN A 105 -24.38 4.58 7.07
N VAL A 106 -24.39 5.58 6.20
CA VAL A 106 -23.15 6.12 5.62
C VAL A 106 -23.06 7.60 5.99
N PRO A 107 -22.16 7.98 6.90
CA PRO A 107 -22.03 9.40 7.26
C PRO A 107 -21.36 10.22 6.18
N LEU A 108 -22.14 10.67 5.21
CA LEU A 108 -21.63 11.34 4.01
C LEU A 108 -21.89 12.83 4.09
N HIS A 109 -20.84 13.61 4.28
CA HIS A 109 -20.87 15.06 4.17
C HIS A 109 -22.01 15.66 5.01
N GLY A 110 -21.94 15.43 6.31
CA GLY A 110 -22.86 16.03 7.25
C GLY A 110 -24.11 15.21 7.51
N THR A 111 -24.64 14.58 6.47
CA THR A 111 -25.83 13.76 6.58
C THR A 111 -25.45 12.28 6.73
N ILE A 112 -26.46 11.45 6.97
CA ILE A 112 -26.29 10.01 7.07
C ILE A 112 -27.27 9.36 6.10
N LEU A 113 -26.74 8.60 5.14
CA LEU A 113 -27.54 7.98 4.09
C LEU A 113 -27.78 6.53 4.44
N THR A 114 -28.98 6.24 4.93
CA THR A 114 -29.36 4.89 5.30
C THR A 114 -29.93 4.16 4.09
N ARG A 115 -29.41 2.95 3.82
CA ARG A 115 -29.83 2.15 2.69
C ARG A 115 -30.02 0.71 3.12
N PRO A 116 -30.96 -0.01 2.51
CA PRO A 116 -31.13 -1.42 2.84
C PRO A 116 -29.96 -2.28 2.36
N LEU A 117 -29.36 -3.00 3.30
CA LEU A 117 -28.27 -3.92 2.97
C LEU A 117 -28.80 -5.34 2.91
N LEU A 118 -28.43 -6.07 1.85
CA LEU A 118 -28.93 -7.42 1.66
C LEU A 118 -28.22 -8.46 2.51
N GLU A 119 -27.06 -8.13 3.07
CA GLU A 119 -26.32 -9.08 3.88
C GLU A 119 -25.22 -8.35 4.64
N SER A 120 -25.13 -8.60 5.95
CA SER A 120 -24.08 -8.02 6.77
C SER A 120 -22.84 -8.90 6.64
N GLU A 121 -21.81 -8.36 6.00
CA GLU A 121 -20.59 -9.11 5.71
C GLU A 121 -19.40 -8.41 6.33
N LEU A 122 -18.34 -9.19 6.53
CA LEU A 122 -17.14 -8.65 7.16
C LEU A 122 -16.53 -7.52 6.36
N VAL A 123 -16.72 -7.55 5.03
CA VAL A 123 -16.12 -6.56 4.14
C VAL A 123 -17.23 -5.99 3.25
N ILE A 124 -17.30 -4.67 3.19
CA ILE A 124 -18.13 -3.96 2.22
C ILE A 124 -17.24 -3.04 1.42
N GLY A 125 -17.35 -3.12 0.10
CA GLY A 125 -16.50 -2.37 -0.80
C GLY A 125 -17.16 -1.11 -1.32
N ALA A 126 -16.35 -0.10 -1.56
CA ALA A 126 -16.79 1.16 -2.14
C ALA A 126 -16.04 1.41 -3.43
N VAL A 127 -16.77 1.82 -4.47
CA VAL A 127 -16.19 2.12 -5.78
C VAL A 127 -16.71 3.47 -6.23
N ILE A 128 -15.79 4.35 -6.60
CA ILE A 128 -16.12 5.67 -7.13
C ILE A 128 -15.79 5.68 -8.61
N LEU A 129 -16.81 5.96 -9.43
CA LEU A 129 -16.68 5.91 -10.88
C LEU A 129 -17.10 7.27 -11.44
N ARG A 130 -16.13 8.02 -11.96
CA ARG A 130 -16.36 9.34 -12.53
C ARG A 130 -16.80 10.35 -11.48
N GLY A 131 -16.56 10.05 -10.21
CA GLY A 131 -16.94 10.93 -9.12
C GLY A 131 -18.21 10.56 -8.40
N HIS A 132 -18.83 9.43 -8.72
CA HIS A 132 -20.06 8.97 -8.10
C HIS A 132 -19.78 7.76 -7.22
N LEU A 133 -20.26 7.80 -5.98
CA LEU A 133 -19.93 6.80 -4.99
C LEU A 133 -21.00 5.72 -4.93
N ARG A 134 -20.56 4.47 -4.86
CA ARG A 134 -21.44 3.32 -4.64
C ARG A 134 -20.85 2.45 -3.55
N ILE A 135 -21.60 2.27 -2.46
CA ILE A 135 -21.22 1.38 -1.37
C ILE A 135 -22.29 0.29 -1.30
N ALA A 136 -21.85 -0.97 -1.36
CA ALA A 136 -22.77 -2.11 -1.35
C ALA A 136 -23.77 -2.02 -2.49
N GLY A 137 -23.33 -1.51 -3.63
CA GLY A 137 -24.21 -1.38 -4.78
C GLY A 137 -25.32 -0.36 -4.61
N HIS A 138 -25.03 0.75 -3.94
CA HIS A 138 -26.03 1.79 -3.67
C HIS A 138 -25.44 3.14 -4.01
N HIS A 139 -26.07 3.86 -4.94
CA HIS A 139 -25.59 5.17 -5.35
C HIS A 139 -25.83 6.17 -4.23
N LEU A 140 -24.75 6.72 -3.69
CA LEU A 140 -24.80 7.67 -2.58
C LEU A 140 -24.34 9.07 -2.98
N GLY A 141 -24.40 9.39 -4.27
CA GLY A 141 -24.11 10.73 -4.72
C GLY A 141 -22.65 10.95 -5.03
N ARG A 142 -22.35 12.20 -5.34
CA ARG A 142 -21.00 12.59 -5.76
C ARG A 142 -20.06 12.61 -4.56
N CYS A 143 -18.90 11.99 -4.73
CA CYS A 143 -17.86 12.01 -3.70
C CYS A 143 -16.53 11.67 -4.36
N ASP A 144 -15.44 12.00 -3.67
CA ASP A 144 -14.10 11.66 -4.12
C ASP A 144 -13.38 10.87 -3.04
N ILE A 145 -12.22 10.32 -3.42
CA ILE A 145 -11.57 9.31 -2.59
C ILE A 145 -11.01 9.93 -1.31
N LYS A 146 -10.49 11.14 -1.37
CA LYS A 146 -9.78 11.70 -0.23
C LYS A 146 -10.71 11.98 0.94
N ASP A 147 -11.96 12.37 0.67
CA ASP A 147 -12.92 12.69 1.72
C ASP A 147 -13.90 11.55 1.97
N LEU A 148 -13.52 10.33 1.60
CA LEU A 148 -14.39 9.20 1.78
C LEU A 148 -14.59 8.94 3.27
N PRO A 149 -15.79 8.52 3.68
CA PRO A 149 -16.03 8.28 5.12
C PRO A 149 -15.01 7.30 5.69
N LYS A 150 -14.51 7.64 6.88
CA LYS A 150 -13.54 6.79 7.57
C LYS A 150 -14.22 5.73 8.43
N GLU A 151 -15.54 5.80 8.58
CA GLU A 151 -16.28 4.85 9.39
C GLU A 151 -17.72 4.81 8.90
N ILE A 152 -18.23 3.60 8.66
CA ILE A 152 -19.65 3.39 8.40
C ILE A 152 -20.15 2.37 9.40
N THR A 153 -21.45 2.12 9.38
CA THR A 153 -22.05 1.16 10.30
C THR A 153 -23.24 0.49 9.65
N VAL A 154 -23.51 -0.74 10.09
CA VAL A 154 -24.60 -1.56 9.58
C VAL A 154 -25.47 -1.94 10.75
N ALA A 155 -26.76 -1.62 10.66
CA ALA A 155 -27.70 -1.77 11.77
C ALA A 155 -28.66 -2.91 11.48
N THR A 156 -28.76 -3.84 12.44
CA THR A 156 -29.67 -4.96 12.36
C THR A 156 -30.39 -5.09 13.69
N SER A 157 -31.49 -5.85 13.70
CA SER A 157 -32.26 -6.06 14.91
C SER A 157 -31.38 -6.72 15.97
N ARG A 158 -31.15 -6.00 17.06
CA ARG A 158 -30.34 -6.50 18.19
C ARG A 158 -28.89 -6.75 17.75
N THR A 159 -28.34 -5.79 17.01
CA THR A 159 -26.93 -5.82 16.65
C THR A 159 -26.57 -4.53 15.91
N LEU A 160 -25.30 -4.11 16.01
CA LEU A 160 -24.84 -2.91 15.33
C LEU A 160 -23.37 -3.08 15.04
N SER A 161 -23.02 -3.11 13.76
CA SER A 161 -21.65 -3.34 13.32
C SER A 161 -21.05 -2.05 12.83
N TYR A 162 -19.79 -1.82 13.21
CA TYR A 162 -19.05 -0.63 12.82
C TYR A 162 -17.93 -1.03 11.88
N TYR A 163 -17.81 -0.33 10.75
CA TYR A 163 -16.73 -0.57 9.82
C TYR A 163 -15.76 0.61 9.85
N LYS A 164 -14.53 0.35 9.40
CA LYS A 164 -13.55 1.41 9.19
C LYS A 164 -12.89 1.23 7.84
N LEU A 165 -12.49 2.36 7.25
CA LEU A 165 -11.88 2.35 5.93
C LEU A 165 -10.59 1.55 5.94
N GLY A 166 -10.52 0.56 5.06
CA GLY A 166 -9.28 -0.17 4.86
C GLY A 166 -8.37 0.57 3.90
N ALA A 167 -7.78 -0.15 2.95
CA ALA A 167 -6.95 0.50 1.95
C ALA A 167 -7.84 1.22 0.94
N SER A 168 -7.39 2.40 0.52
CA SER A 168 -8.11 3.22 -0.45
C SER A 168 -7.17 3.53 -1.60
N GLN A 169 -7.62 3.28 -2.82
CA GLN A 169 -6.83 3.49 -4.02
C GLN A 169 -7.55 4.43 -4.98
N ARG A 170 -6.76 5.13 -5.78
CA ARG A 170 -7.28 6.08 -6.76
C ARG A 170 -7.00 5.54 -8.15
N VAL A 171 -8.04 5.56 -9.01
CA VAL A 171 -7.99 4.96 -10.32
C VAL A 171 -8.35 6.02 -11.35
N ALA A 172 -7.43 6.28 -12.28
CA ALA A 172 -7.70 7.15 -13.42
C ALA A 172 -8.16 8.54 -12.97
N GLY A 173 -7.51 9.07 -11.94
CA GLY A 173 -7.77 10.43 -11.52
C GLY A 173 -9.03 10.59 -10.69
N ASP A 174 -10.19 10.52 -11.35
CA ASP A 174 -11.46 10.79 -10.69
C ASP A 174 -12.13 9.54 -10.13
N SER A 175 -11.96 8.40 -10.77
CA SER A 175 -12.53 7.16 -10.25
C SER A 175 -11.69 6.69 -9.07
N GLY A 176 -12.14 5.63 -8.42
CA GLY A 176 -11.43 5.17 -7.24
C GLY A 176 -12.07 3.91 -6.69
N PHE A 177 -11.58 3.51 -5.52
CA PHE A 177 -12.00 2.25 -4.93
C PHE A 177 -11.57 2.21 -3.47
N ALA A 178 -12.29 1.42 -2.68
CA ALA A 178 -12.00 1.31 -1.25
C ALA A 178 -12.80 0.15 -0.67
N ALA A 179 -12.49 -0.17 0.59
CA ALA A 179 -13.13 -1.26 1.31
C ALA A 179 -13.37 -0.85 2.76
N TYR A 180 -14.38 -1.48 3.36
CA TYR A 180 -14.76 -1.26 4.76
C TYR A 180 -14.80 -2.60 5.47
N SER A 181 -13.98 -2.73 6.52
CA SER A 181 -13.84 -3.99 7.25
C SER A 181 -14.35 -3.84 8.68
N ARG A 182 -15.05 -4.87 9.16
CA ARG A 182 -15.54 -4.87 10.53
C ARG A 182 -14.40 -4.81 11.53
N TYR A 183 -14.56 -3.94 12.53
CA TYR A 183 -13.64 -3.87 13.65
C TYR A 183 -14.34 -3.90 15.00
N ARG A 184 -15.68 -3.86 15.03
CA ARG A 184 -16.41 -3.84 16.30
C ARG A 184 -17.83 -4.29 16.05
N ILE A 185 -18.45 -4.79 17.12
CA ILE A 185 -19.85 -5.18 17.10
C ILE A 185 -20.50 -4.71 18.40
N GLY A 186 -21.74 -4.26 18.30
CA GLY A 186 -22.50 -3.85 19.46
C GLY A 186 -23.87 -4.48 19.53
N ASN A 187 -24.10 -5.30 20.54
CA ASN A 187 -25.40 -5.91 20.75
C ASN A 187 -26.33 -4.94 21.48
N TYR A 188 -27.61 -5.25 21.43
CA TYR A 188 -28.64 -4.35 21.94
C TYR A 188 -28.50 -2.96 21.32
N LEU B 1 -60.81 -19.66 -17.35
CA LEU B 1 -61.63 -18.96 -16.37
C LEU B 1 -60.77 -18.42 -15.24
N GLU B 2 -60.55 -19.25 -14.22
CA GLU B 2 -59.71 -18.88 -13.08
C GLU B 2 -58.37 -19.59 -13.10
N GLN B 3 -58.11 -20.44 -14.10
CA GLN B 3 -56.81 -21.11 -14.18
C GLN B 3 -55.70 -20.10 -14.38
N TRP B 4 -55.94 -19.08 -15.21
CA TRP B 4 -54.94 -18.05 -15.43
C TRP B 4 -54.57 -17.36 -14.13
N ASN B 5 -55.57 -17.04 -13.30
CA ASN B 5 -55.28 -16.38 -12.03
C ASN B 5 -54.45 -17.29 -11.12
N LEU B 6 -54.78 -18.58 -11.06
CA LEU B 6 -54.04 -19.49 -10.20
C LEU B 6 -52.59 -19.64 -10.66
N VAL B 7 -52.38 -19.77 -11.96
CA VAL B 7 -51.00 -19.90 -12.46
C VAL B 7 -50.24 -18.60 -12.22
N ILE B 8 -50.93 -17.45 -12.33
CA ILE B 8 -50.27 -16.17 -12.05
C ILE B 8 -49.86 -16.11 -10.58
N GLY B 9 -50.74 -16.57 -9.69
CA GLY B 9 -50.38 -16.60 -8.28
C GLY B 9 -49.19 -17.49 -8.01
N PHE B 10 -49.17 -18.67 -8.63
CA PHE B 10 -48.02 -19.57 -8.47
C PHE B 10 -46.76 -18.92 -9.01
N LEU B 11 -46.86 -18.21 -10.13
CA LEU B 11 -45.70 -17.54 -10.72
C LEU B 11 -45.17 -16.46 -9.78
N PHE B 12 -46.06 -15.68 -9.18
CA PHE B 12 -45.63 -14.66 -8.23
C PHE B 12 -44.99 -15.28 -7.00
N LEU B 13 -45.55 -16.40 -6.51
CA LEU B 13 -44.95 -17.08 -5.37
C LEU B 13 -43.54 -17.57 -5.72
N THR B 14 -43.37 -18.15 -6.90
CA THR B 14 -42.06 -18.61 -7.32
C THR B 14 -41.08 -17.46 -7.45
N TRP B 15 -41.54 -16.33 -8.01
CA TRP B 15 -40.68 -15.16 -8.12
C TRP B 15 -40.26 -14.66 -6.75
N ILE B 16 -41.19 -14.63 -5.79
CA ILE B 16 -40.85 -14.20 -4.44
C ILE B 16 -39.81 -15.15 -3.83
N CYS B 17 -40.03 -16.45 -3.99
CA CYS B 17 -39.10 -17.42 -3.42
C CYS B 17 -37.70 -17.25 -4.02
N LEU B 18 -37.61 -17.09 -5.33
CA LEU B 18 -36.32 -16.87 -5.97
C LEU B 18 -35.70 -15.56 -5.50
N LEU B 19 -36.50 -14.51 -5.38
CA LEU B 19 -36.00 -13.20 -4.98
C LEU B 19 -35.41 -13.25 -3.57
N GLN B 20 -36.11 -13.90 -2.64
CA GLN B 20 -35.68 -13.90 -1.26
C GLN B 20 -34.55 -14.89 -0.99
N PHE B 21 -34.27 -15.80 -1.91
CA PHE B 21 -33.18 -16.76 -1.76
C PHE B 21 -32.03 -16.49 -2.71
N ALA B 22 -32.31 -16.13 -3.97
CA ALA B 22 -31.24 -15.85 -4.92
C ALA B 22 -30.49 -14.57 -4.59
N TYR B 23 -31.12 -13.64 -3.86
CA TYR B 23 -30.44 -12.42 -3.47
C TYR B 23 -29.33 -12.70 -2.46
N ALA B 24 -29.65 -13.46 -1.41
CA ALA B 24 -28.64 -13.79 -0.40
C ALA B 24 -27.67 -14.86 -0.91
N ASN B 25 -28.17 -15.86 -1.62
CA ASN B 25 -27.37 -16.97 -2.11
C ASN B 25 -27.23 -16.86 -3.63
N ARG B 26 -26.00 -17.04 -4.12
CA ARG B 26 -25.71 -16.95 -5.54
C ARG B 26 -25.27 -18.30 -6.10
N ASN B 27 -25.95 -19.37 -5.69
CA ASN B 27 -25.65 -20.68 -6.22
C ASN B 27 -25.82 -20.70 -7.74
N ARG B 28 -24.94 -21.41 -8.42
CA ARG B 28 -24.95 -21.40 -9.88
C ARG B 28 -26.27 -21.93 -10.43
N PHE B 29 -26.77 -23.03 -9.87
CA PHE B 29 -28.01 -23.60 -10.37
C PHE B 29 -29.21 -22.71 -10.04
N LEU B 30 -29.24 -22.15 -8.83
CA LEU B 30 -30.29 -21.21 -8.49
C LEU B 30 -30.23 -19.97 -9.38
N TYR B 31 -29.01 -19.52 -9.69
CA TYR B 31 -28.84 -18.39 -10.60
C TYR B 31 -29.39 -18.72 -11.99
N ILE B 32 -29.11 -19.93 -12.47
CA ILE B 32 -29.61 -20.34 -13.77
C ILE B 32 -31.13 -20.42 -13.77
N ILE B 33 -31.70 -20.90 -12.67
CA ILE B 33 -33.16 -20.97 -12.57
C ILE B 33 -33.76 -19.57 -12.60
N LYS B 34 -33.12 -18.63 -11.89
CA LYS B 34 -33.60 -17.24 -11.91
C LYS B 34 -33.49 -16.65 -13.32
N LEU B 35 -32.41 -16.94 -14.02
CA LEU B 35 -32.27 -16.49 -15.40
C LEU B 35 -33.38 -17.05 -16.28
N ILE B 36 -33.68 -18.34 -16.12
CA ILE B 36 -34.73 -18.96 -16.93
C ILE B 36 -36.08 -18.31 -16.64
N PHE B 37 -36.36 -18.06 -15.36
CA PHE B 37 -37.62 -17.40 -15.01
C PHE B 37 -37.69 -16.00 -15.59
N LEU B 38 -36.58 -15.25 -15.53
CA LEU B 38 -36.57 -13.90 -16.06
C LEU B 38 -36.78 -13.91 -17.57
N TRP B 39 -36.21 -14.90 -18.26
CA TRP B 39 -36.49 -15.06 -19.69
C TRP B 39 -37.95 -15.38 -19.92
N LEU B 40 -38.52 -16.26 -19.11
CA LEU B 40 -39.93 -16.64 -19.28
C LEU B 40 -40.84 -15.45 -19.05
N LEU B 41 -40.40 -14.47 -18.27
CA LEU B 41 -41.24 -13.32 -17.95
C LEU B 41 -41.82 -12.67 -19.21
N TRP B 42 -41.00 -12.50 -20.24
CA TRP B 42 -41.47 -11.82 -21.45
C TRP B 42 -42.61 -12.56 -22.14
N PRO B 43 -42.48 -13.84 -22.47
CA PRO B 43 -43.62 -14.54 -23.09
C PRO B 43 -44.86 -14.55 -22.23
N VAL B 44 -44.72 -14.53 -20.91
CA VAL B 44 -45.89 -14.43 -20.04
C VAL B 44 -46.62 -13.12 -20.30
N THR B 45 -45.86 -12.03 -20.38
CA THR B 45 -46.47 -10.73 -20.67
C THR B 45 -47.14 -10.73 -22.03
N LEU B 46 -46.48 -11.31 -23.03
CA LEU B 46 -47.07 -11.35 -24.37
C LEU B 46 -48.37 -12.16 -24.37
N ALA B 47 -48.37 -13.31 -23.69
CA ALA B 47 -49.58 -14.12 -23.61
C ALA B 47 -50.69 -13.38 -22.90
N CYS B 48 -50.38 -12.70 -21.81
CA CYS B 48 -51.40 -11.94 -21.10
C CYS B 48 -51.98 -10.85 -22.00
N PHE B 49 -51.12 -10.13 -22.71
CA PHE B 49 -51.60 -9.05 -23.57
C PHE B 49 -52.49 -9.59 -24.69
N VAL B 50 -52.08 -10.69 -25.33
CA VAL B 50 -52.87 -11.21 -26.44
C VAL B 50 -54.19 -11.78 -25.94
N LEU B 51 -54.19 -12.44 -24.78
CA LEU B 51 -55.43 -12.96 -24.22
C LEU B 51 -56.38 -11.83 -23.84
N ALA B 52 -55.83 -10.73 -23.32
CA ALA B 52 -56.68 -9.57 -23.05
C ALA B 52 -57.23 -8.97 -24.33
N ALA B 53 -56.41 -8.94 -25.38
CA ALA B 53 -56.84 -8.32 -26.64
C ALA B 53 -57.94 -9.14 -27.31
N VAL B 54 -57.80 -10.47 -27.32
CA VAL B 54 -58.76 -11.31 -28.04
C VAL B 54 -60.15 -11.20 -27.41
N TYR B 55 -60.22 -11.08 -26.08
CA TYR B 55 -61.48 -10.91 -25.37
C TYR B 55 -61.74 -9.45 -25.03
N ARG B 56 -61.35 -8.53 -25.92
CA ARG B 56 -61.49 -7.11 -25.65
C ARG B 56 -62.95 -6.75 -25.41
N ILE B 57 -63.19 -6.00 -24.33
CA ILE B 57 -64.53 -5.50 -24.06
C ILE B 57 -64.93 -4.43 -25.07
N ASN B 58 -64.01 -3.52 -25.38
CA ASN B 58 -64.24 -2.46 -26.35
C ASN B 58 -63.02 -2.36 -27.26
N TRP B 59 -63.18 -1.57 -28.34
CA TRP B 59 -62.13 -1.47 -29.34
C TRP B 59 -60.86 -0.86 -28.76
N ILE B 60 -60.99 0.16 -27.92
CA ILE B 60 -59.82 0.86 -27.41
C ILE B 60 -58.95 -0.08 -26.58
N THR B 61 -59.57 -0.91 -25.73
CA THR B 61 -58.81 -1.83 -24.89
C THR B 61 -58.02 -2.82 -25.75
N GLY B 62 -58.68 -3.39 -26.77
CA GLY B 62 -57.99 -4.31 -27.65
C GLY B 62 -56.86 -3.65 -28.41
N GLY B 63 -57.09 -2.41 -28.87
CA GLY B 63 -56.04 -1.70 -29.59
C GLY B 63 -54.82 -1.45 -28.73
N ILE B 64 -55.04 -0.97 -27.51
CA ILE B 64 -53.90 -0.72 -26.61
C ILE B 64 -53.21 -2.03 -26.24
N ALA B 65 -53.99 -3.10 -26.05
CA ALA B 65 -53.41 -4.39 -25.71
C ALA B 65 -52.51 -4.89 -26.84
N ILE B 66 -52.99 -4.81 -28.09
CA ILE B 66 -52.18 -5.29 -29.21
C ILE B 66 -50.98 -4.38 -29.42
N ALA B 67 -51.12 -3.07 -29.18
CA ALA B 67 -49.97 -2.19 -29.29
C ALA B 67 -48.89 -2.56 -28.28
N MET B 68 -49.30 -2.82 -27.03
CA MET B 68 -48.33 -3.23 -26.02
C MET B 68 -47.71 -4.58 -26.36
N ALA B 69 -48.51 -5.50 -26.91
CA ALA B 69 -47.97 -6.79 -27.33
C ALA B 69 -46.91 -6.61 -28.41
N CYS B 70 -47.18 -5.75 -29.39
CA CYS B 70 -46.20 -5.48 -30.44
C CYS B 70 -44.95 -4.84 -29.88
N LEU B 71 -45.11 -3.92 -28.93
CA LEU B 71 -43.95 -3.29 -28.29
C LEU B 71 -43.09 -4.33 -27.60
N VAL B 72 -43.72 -5.21 -26.82
CA VAL B 72 -42.96 -6.25 -26.12
C VAL B 72 -42.30 -7.19 -27.13
N GLY B 73 -42.99 -7.51 -28.22
CA GLY B 73 -42.42 -8.40 -29.22
C GLY B 73 -41.20 -7.80 -29.89
N LEU B 74 -41.26 -6.52 -30.25
CA LEU B 74 -40.11 -5.91 -30.91
C LEU B 74 -38.96 -5.75 -29.93
N MET B 75 -39.25 -5.46 -28.65
CA MET B 75 -38.19 -5.43 -27.65
C MET B 75 -37.52 -6.79 -27.53
N TRP B 76 -38.31 -7.86 -27.48
CA TRP B 76 -37.77 -9.21 -27.38
C TRP B 76 -36.92 -9.54 -28.60
N LEU B 77 -37.40 -9.17 -29.80
CA LEU B 77 -36.65 -9.46 -31.01
C LEU B 77 -35.32 -8.70 -31.03
N SER B 78 -35.33 -7.42 -30.63
CA SER B 78 -34.09 -6.67 -30.62
C SER B 78 -33.10 -7.24 -29.61
N TYR B 79 -33.60 -7.62 -28.43
CA TYR B 79 -32.71 -8.22 -27.44
C TYR B 79 -32.14 -9.54 -27.94
N PHE B 80 -32.96 -10.32 -28.65
CA PHE B 80 -32.47 -11.56 -29.25
C PHE B 80 -31.38 -11.29 -30.28
N ILE B 81 -31.56 -10.25 -31.09
CA ILE B 81 -30.55 -9.90 -32.08
C ILE B 81 -29.24 -9.54 -31.40
N ALA B 82 -29.31 -8.71 -30.37
CA ALA B 82 -28.09 -8.34 -29.65
C ALA B 82 -27.44 -9.55 -29.01
N SER B 83 -28.26 -10.44 -28.44
CA SER B 83 -27.73 -11.65 -27.80
C SER B 83 -27.02 -12.54 -28.82
N PHE B 84 -27.60 -12.67 -30.01
CA PHE B 84 -26.97 -13.50 -31.02
C PHE B 84 -25.69 -12.86 -31.53
N ARG B 85 -25.65 -11.53 -31.61
CA ARG B 85 -24.41 -10.87 -31.98
C ARG B 85 -23.32 -11.13 -30.95
N LEU B 86 -23.68 -11.03 -29.67
CA LEU B 86 -22.73 -11.31 -28.61
C LEU B 86 -22.24 -12.76 -28.66
N PHE B 87 -23.16 -13.70 -28.91
CA PHE B 87 -22.76 -15.09 -29.02
C PHE B 87 -21.81 -15.30 -30.18
N ALA B 88 -22.11 -14.68 -31.33
CA ALA B 88 -21.21 -14.79 -32.47
C ALA B 88 -19.84 -14.28 -32.13
N ARG B 89 -19.77 -13.15 -31.42
CA ARG B 89 -18.47 -12.61 -31.02
C ARG B 89 -17.73 -13.57 -30.09
N THR B 90 -18.40 -14.01 -29.02
CA THR B 90 -17.76 -14.76 -27.96
C THR B 90 -17.97 -16.27 -28.04
N ARG B 91 -18.92 -16.73 -28.85
CA ARG B 91 -19.27 -18.14 -28.95
C ARG B 91 -19.29 -18.80 -27.57
N SER B 92 -20.07 -18.19 -26.68
CA SER B 92 -20.36 -18.74 -25.36
C SER B 92 -21.86 -18.72 -25.13
N MET B 93 -22.38 -19.78 -24.53
CA MET B 93 -23.82 -19.89 -24.32
C MET B 93 -24.34 -18.94 -23.25
N TRP B 94 -23.45 -18.28 -22.51
CA TRP B 94 -23.88 -17.31 -21.51
C TRP B 94 -24.40 -16.02 -22.16
N SER B 95 -24.09 -15.80 -23.43
CA SER B 95 -24.49 -14.59 -24.12
C SER B 95 -26.00 -14.49 -24.30
N PHE B 96 -26.74 -15.57 -24.09
CA PHE B 96 -28.19 -15.58 -24.23
C PHE B 96 -28.89 -15.36 -22.89
N ASN B 97 -28.16 -14.90 -21.89
CA ASN B 97 -28.79 -14.59 -20.61
C ASN B 97 -29.72 -13.39 -20.74
N PRO B 98 -30.92 -13.44 -20.14
CA PRO B 98 -31.85 -12.32 -20.26
C PRO B 98 -31.44 -11.08 -19.49
N GLU B 99 -30.38 -11.15 -18.69
CA GLU B 99 -30.00 -10.01 -17.86
C GLU B 99 -29.43 -8.88 -18.69
N THR B 100 -28.51 -9.18 -19.61
CA THR B 100 -27.79 -8.15 -20.33
C THR B 100 -26.96 -8.79 -21.43
N ASN B 101 -26.15 -7.98 -22.10
CA ASN B 101 -25.32 -8.40 -23.22
C ASN B 101 -23.85 -8.08 -22.96
N ILE B 102 -23.42 -8.19 -21.70
CA ILE B 102 -22.02 -8.03 -21.31
C ILE B 102 -21.60 -9.25 -20.53
N LEU B 103 -20.45 -9.81 -20.87
CA LEU B 103 -19.95 -11.03 -20.25
C LEU B 103 -18.65 -10.75 -19.51
N LEU B 104 -18.46 -11.40 -18.38
CA LEU B 104 -17.26 -11.27 -17.57
C LEU B 104 -16.54 -12.61 -17.53
N ASN B 105 -15.41 -12.69 -18.21
CA ASN B 105 -14.58 -13.89 -18.20
C ASN B 105 -13.56 -13.77 -17.08
N VAL B 106 -13.55 -14.76 -16.19
CA VAL B 106 -12.63 -14.79 -15.05
C VAL B 106 -11.75 -16.03 -15.16
N PRO B 107 -10.47 -15.88 -15.50
CA PRO B 107 -9.59 -17.06 -15.60
C PRO B 107 -9.22 -17.62 -14.23
N LEU B 108 -10.08 -18.47 -13.69
CA LEU B 108 -9.96 -18.97 -12.33
C LEU B 108 -9.49 -20.42 -12.36
N HIS B 109 -8.24 -20.64 -11.95
CA HIS B 109 -7.70 -21.97 -11.70
C HIS B 109 -7.93 -22.91 -12.89
N GLY B 110 -7.36 -22.52 -14.02
CA GLY B 110 -7.37 -23.35 -15.22
C GLY B 110 -8.58 -23.14 -16.11
N THR B 111 -9.75 -22.90 -15.52
CA THR B 111 -10.97 -22.67 -16.27
C THR B 111 -11.24 -21.17 -16.38
N ILE B 112 -12.26 -20.84 -17.16
CA ILE B 112 -12.70 -19.45 -17.34
C ILE B 112 -14.19 -19.41 -17.02
N LEU B 113 -14.56 -18.62 -16.02
CA LEU B 113 -15.93 -18.52 -15.54
C LEU B 113 -16.58 -17.28 -16.13
N THR B 114 -17.41 -17.48 -17.15
CA THR B 114 -18.10 -16.39 -17.81
C THR B 114 -19.43 -16.12 -17.09
N ARG B 115 -19.67 -14.85 -16.75
CA ARG B 115 -20.87 -14.44 -16.05
C ARG B 115 -21.44 -13.18 -16.67
N PRO B 116 -22.76 -13.02 -16.66
CA PRO B 116 -23.34 -11.78 -17.19
C PRO B 116 -23.03 -10.58 -16.33
N LEU B 117 -22.44 -9.55 -16.94
CA LEU B 117 -22.15 -8.30 -16.26
C LEU B 117 -23.20 -7.27 -16.62
N LEU B 118 -23.71 -6.57 -15.60
CA LEU B 118 -24.78 -5.61 -15.82
C LEU B 118 -24.28 -4.27 -16.35
N GLU B 119 -22.98 -4.00 -16.26
CA GLU B 119 -22.44 -2.73 -16.74
C GLU B 119 -20.92 -2.83 -16.81
N SER B 120 -20.36 -2.43 -17.94
CA SER B 120 -18.91 -2.40 -18.11
C SER B 120 -18.38 -1.10 -17.52
N GLU B 121 -17.66 -1.20 -16.41
CA GLU B 121 -17.18 -0.04 -15.68
C GLU B 121 -15.66 -0.08 -15.59
N LEU B 122 -15.07 1.09 -15.36
CA LEU B 122 -13.63 1.21 -15.29
C LEU B 122 -13.05 0.36 -14.17
N VAL B 123 -13.81 0.15 -13.10
CA VAL B 123 -13.35 -0.58 -11.92
C VAL B 123 -14.38 -1.66 -11.60
N ILE B 124 -13.89 -2.88 -11.43
CA ILE B 124 -14.68 -3.98 -10.89
C ILE B 124 -13.97 -4.51 -9.65
N GLY B 125 -14.70 -4.63 -8.56
CA GLY B 125 -14.14 -5.03 -7.28
C GLY B 125 -14.36 -6.51 -6.99
N ALA B 126 -13.41 -7.10 -6.29
CA ALA B 126 -13.48 -8.48 -5.85
C ALA B 126 -13.39 -8.52 -4.33
N VAL B 127 -14.26 -9.32 -3.72
CA VAL B 127 -14.29 -9.48 -2.27
C VAL B 127 -14.32 -10.97 -1.95
N ILE B 128 -13.41 -11.40 -1.10
CA ILE B 128 -13.33 -12.78 -0.65
C ILE B 128 -13.77 -12.82 0.81
N LEU B 129 -14.82 -13.60 1.09
CA LEU B 129 -15.42 -13.66 2.42
C LEU B 129 -15.42 -15.12 2.86
N ARG B 130 -14.59 -15.43 3.86
CA ARG B 130 -14.46 -16.78 4.41
C ARG B 130 -13.87 -17.76 3.40
N GLY B 131 -13.23 -17.24 2.35
CA GLY B 131 -12.64 -18.06 1.32
C GLY B 131 -13.44 -18.20 0.05
N HIS B 132 -14.55 -17.49 -0.07
CA HIS B 132 -15.41 -17.55 -1.24
C HIS B 132 -15.30 -16.25 -2.02
N LEU B 133 -15.09 -16.34 -3.32
CA LEU B 133 -14.79 -15.20 -4.17
C LEU B 133 -16.06 -14.68 -4.84
N ARG B 134 -16.23 -13.37 -4.84
CA ARG B 134 -17.30 -12.71 -5.57
C ARG B 134 -16.71 -11.54 -6.35
N ILE B 135 -16.86 -11.58 -7.67
CA ILE B 135 -16.46 -10.50 -8.55
C ILE B 135 -17.70 -9.97 -9.24
N ALA B 136 -17.94 -8.67 -9.13
CA ALA B 136 -19.13 -8.04 -9.70
C ALA B 136 -20.40 -8.68 -9.15
N GLY B 137 -20.38 -9.07 -7.89
CA GLY B 137 -21.53 -9.70 -7.27
C GLY B 137 -21.86 -11.07 -7.83
N HIS B 138 -20.85 -11.87 -8.16
CA HIS B 138 -21.06 -13.19 -8.73
C HIS B 138 -20.17 -14.19 -8.00
N HIS B 139 -20.79 -15.20 -7.41
CA HIS B 139 -20.05 -16.22 -6.68
C HIS B 139 -19.27 -17.09 -7.65
N LEU B 140 -17.94 -17.06 -7.56
CA LEU B 140 -17.07 -17.80 -8.44
C LEU B 140 -16.30 -18.90 -7.72
N GLY B 141 -16.81 -19.36 -6.58
CA GLY B 141 -16.22 -20.48 -5.89
C GLY B 141 -15.12 -20.08 -4.92
N ARG B 142 -14.50 -21.11 -4.36
CA ARG B 142 -13.49 -20.93 -3.33
C ARG B 142 -12.19 -20.41 -3.94
N CYS B 143 -11.64 -19.36 -3.32
CA CYS B 143 -10.36 -18.82 -3.74
C CYS B 143 -9.78 -18.02 -2.58
N ASP B 144 -8.48 -17.77 -2.64
CA ASP B 144 -7.80 -16.94 -1.65
C ASP B 144 -7.08 -15.80 -2.35
N ILE B 145 -6.60 -14.85 -1.55
CA ILE B 145 -6.13 -13.58 -2.09
C ILE B 145 -4.85 -13.73 -2.88
N LYS B 146 -3.94 -14.61 -2.43
CA LYS B 146 -2.62 -14.67 -3.06
C LYS B 146 -2.68 -15.19 -4.49
N ASP B 147 -3.60 -16.11 -4.78
CA ASP B 147 -3.71 -16.69 -6.11
C ASP B 147 -4.84 -16.07 -6.91
N LEU B 148 -5.25 -14.85 -6.55
CA LEU B 148 -6.33 -14.19 -7.25
C LEU B 148 -5.91 -13.88 -8.69
N PRO B 149 -6.81 -13.97 -9.65
CA PRO B 149 -6.43 -13.70 -11.04
C PRO B 149 -5.80 -12.33 -11.19
N LYS B 150 -4.72 -12.27 -11.95
CA LYS B 150 -4.01 -11.03 -12.20
C LYS B 150 -4.58 -10.27 -13.39
N GLU B 151 -5.52 -10.88 -14.14
CA GLU B 151 -6.11 -10.26 -15.30
C GLU B 151 -7.46 -10.90 -15.55
N ILE B 152 -8.49 -10.07 -15.72
CA ILE B 152 -9.80 -10.53 -16.17
C ILE B 152 -10.17 -9.71 -17.39
N THR B 153 -11.29 -10.05 -18.01
CA THR B 153 -11.73 -9.34 -19.21
C THR B 153 -13.25 -9.33 -19.27
N VAL B 154 -13.77 -8.30 -19.92
CA VAL B 154 -15.22 -8.10 -20.07
C VAL B 154 -15.51 -7.99 -21.56
N ALA B 155 -16.41 -8.85 -22.04
CA ALA B 155 -16.68 -8.99 -23.47
C ALA B 155 -18.05 -8.41 -23.80
N THR B 156 -18.08 -7.53 -24.78
CA THR B 156 -19.30 -6.92 -25.26
C THR B 156 -19.29 -6.96 -26.79
N SER B 157 -20.47 -6.75 -27.38
CA SER B 157 -20.58 -6.76 -28.83
C SER B 157 -19.70 -5.68 -29.44
N ARG B 158 -18.69 -6.10 -30.20
CA ARG B 158 -17.76 -5.18 -30.87
C ARG B 158 -16.95 -4.38 -29.84
N THR B 159 -16.46 -5.08 -28.82
CA THR B 159 -15.55 -4.49 -27.85
C THR B 159 -15.05 -5.57 -26.89
N LEU B 160 -13.86 -5.40 -26.35
CA LEU B 160 -13.30 -6.34 -25.39
C LEU B 160 -12.36 -5.59 -24.47
N SER B 161 -12.71 -5.55 -23.19
CA SER B 161 -11.96 -4.80 -22.20
C SER B 161 -11.15 -5.75 -21.32
N TYR B 162 -9.91 -5.38 -21.05
CA TYR B 162 -9.01 -6.17 -20.23
C TYR B 162 -8.76 -5.43 -18.93
N TYR B 163 -8.88 -6.13 -17.81
CA TYR B 163 -8.58 -5.55 -16.51
C TYR B 163 -7.32 -6.19 -15.95
N LYS B 164 -6.70 -5.49 -15.00
CA LYS B 164 -5.58 -6.03 -14.25
C LYS B 164 -5.77 -5.74 -12.77
N LEU B 165 -5.25 -6.64 -11.95
CA LEU B 165 -5.40 -6.52 -10.51
C LEU B 165 -4.74 -5.24 -9.99
N GLY B 166 -5.53 -4.43 -9.31
CA GLY B 166 -4.98 -3.26 -8.64
C GLY B 166 -4.40 -3.63 -7.30
N ALA B 167 -4.70 -2.84 -6.27
CA ALA B 167 -4.25 -3.18 -4.93
C ALA B 167 -5.10 -4.33 -4.36
N SER B 168 -4.44 -5.24 -3.66
CA SER B 168 -5.09 -6.39 -3.04
C SER B 168 -4.76 -6.39 -1.56
N GLN B 169 -5.80 -6.50 -0.73
CA GLN B 169 -5.64 -6.47 0.71
C GLN B 169 -6.25 -7.73 1.32
N ARG B 170 -5.72 -8.11 2.48
CA ARG B 170 -6.16 -9.30 3.20
C ARG B 170 -6.83 -8.86 4.49
N VAL B 171 -8.01 -9.41 4.76
CA VAL B 171 -8.85 -9.00 5.87
C VAL B 171 -9.15 -10.22 6.73
N ALA B 172 -8.77 -10.16 8.00
CA ALA B 172 -9.12 -11.18 8.97
C ALA B 172 -8.68 -12.57 8.51
N GLY B 173 -7.47 -12.66 7.98
CA GLY B 173 -6.89 -13.94 7.64
C GLY B 173 -7.40 -14.54 6.36
N ASP B 174 -8.64 -15.04 6.38
CA ASP B 174 -9.20 -15.76 5.24
C ASP B 174 -9.98 -14.86 4.29
N SER B 175 -10.66 -13.84 4.81
CA SER B 175 -11.38 -12.92 3.94
C SER B 175 -10.38 -12.01 3.24
N GLY B 176 -10.88 -11.17 2.34
CA GLY B 176 -9.99 -10.33 1.59
C GLY B 176 -10.76 -9.41 0.66
N PHE B 177 -10.01 -8.71 -0.18
CA PHE B 177 -10.60 -7.70 -1.04
C PHE B 177 -9.61 -7.31 -2.13
N ALA B 178 -10.13 -6.83 -3.24
CA ALA B 178 -9.29 -6.43 -4.37
C ALA B 178 -10.14 -5.69 -5.39
N ALA B 179 -9.44 -5.12 -6.38
CA ALA B 179 -10.07 -4.35 -7.44
C ALA B 179 -9.42 -4.66 -8.78
N TYR B 180 -10.19 -4.46 -9.85
CA TYR B 180 -9.72 -4.66 -11.22
C TYR B 180 -10.00 -3.39 -12.02
N SER B 181 -8.95 -2.80 -12.58
CA SER B 181 -9.03 -1.54 -13.30
C SER B 181 -8.70 -1.73 -14.77
N ARG B 182 -9.46 -1.06 -15.64
CA ARG B 182 -9.20 -1.12 -17.07
C ARG B 182 -7.82 -0.56 -17.41
N TYR B 183 -7.10 -1.29 -18.26
CA TYR B 183 -5.85 -0.84 -18.81
C TYR B 183 -5.77 -0.96 -20.32
N ARG B 184 -6.76 -1.57 -20.97
CA ARG B 184 -6.72 -1.76 -22.41
C ARG B 184 -8.14 -2.00 -22.91
N ILE B 185 -8.34 -1.70 -24.20
CA ILE B 185 -9.60 -1.95 -24.88
C ILE B 185 -9.29 -2.51 -26.26
N GLY B 186 -10.10 -3.46 -26.70
CA GLY B 186 -9.95 -4.02 -28.03
C GLY B 186 -11.27 -4.05 -28.79
N ASN B 187 -11.32 -3.30 -29.89
CA ASN B 187 -12.50 -3.29 -30.74
C ASN B 187 -12.46 -4.48 -31.70
N TYR B 188 -13.61 -4.76 -32.30
CA TYR B 188 -13.77 -5.95 -33.13
C TYR B 188 -13.35 -7.19 -32.36
N ASP C 1 -17.86 -9.75 32.55
CA ASP C 1 -18.04 -10.07 31.11
C ASP C 1 -16.92 -11.00 30.64
N ILE C 2 -15.96 -10.46 29.89
CA ILE C 2 -14.79 -11.21 29.44
C ILE C 2 -13.56 -10.56 30.07
N VAL C 3 -12.63 -11.40 30.51
CA VAL C 3 -11.34 -10.94 31.02
C VAL C 3 -10.27 -11.47 30.10
N MET C 4 -9.51 -10.57 29.49
CA MET C 4 -8.40 -10.93 28.63
C MET C 4 -7.14 -11.03 29.47
N THR C 5 -6.69 -12.25 29.71
CA THR C 5 -5.50 -12.51 30.54
C THR C 5 -4.28 -12.40 29.65
N GLN C 6 -3.62 -11.25 29.70
CA GLN C 6 -2.48 -10.97 28.84
C GLN C 6 -1.20 -11.40 29.54
N SER C 7 -0.33 -12.06 28.78
CA SER C 7 0.91 -12.60 29.31
C SER C 7 2.04 -12.35 28.33
N PRO C 8 3.28 -12.23 28.82
CA PRO C 8 3.68 -12.18 30.24
C PRO C 8 3.50 -10.77 30.80
N ALA C 9 3.47 -10.62 32.12
CA ALA C 9 3.28 -9.29 32.70
C ALA C 9 4.40 -8.34 32.33
N SER C 10 5.57 -8.85 31.95
CA SER C 10 6.68 -8.03 31.50
C SER C 10 7.55 -8.84 30.57
N LEU C 11 8.23 -8.15 29.65
CA LEU C 11 9.04 -8.80 28.64
C LEU C 11 10.34 -8.01 28.45
N ALA C 12 11.37 -8.71 28.00
CA ALA C 12 12.68 -8.09 27.81
C ALA C 12 13.38 -8.81 26.66
N VAL C 13 13.56 -8.10 25.54
CA VAL C 13 14.18 -8.66 24.34
C VAL C 13 15.12 -7.62 23.76
N SER C 14 16.23 -8.09 23.20
CA SER C 14 17.21 -7.20 22.60
C SER C 14 16.77 -6.75 21.22
N LEU C 15 17.50 -5.79 20.66
CA LEU C 15 17.18 -5.26 19.35
C LEU C 15 17.38 -6.32 18.27
N GLY C 16 16.58 -6.22 17.21
CA GLY C 16 16.68 -7.12 16.08
C GLY C 16 16.08 -8.48 16.30
N GLN C 17 15.49 -8.75 17.46
CA GLN C 17 14.92 -10.04 17.78
C GLN C 17 13.41 -10.00 17.60
N ARG C 18 12.73 -11.05 18.03
CA ARG C 18 11.28 -11.18 17.92
C ARG C 18 10.68 -11.17 19.32
N ALA C 19 9.63 -10.39 19.50
CA ALA C 19 8.90 -10.30 20.76
C ALA C 19 7.48 -10.81 20.55
N THR C 20 7.03 -11.69 21.43
CA THR C 20 5.71 -12.30 21.35
C THR C 20 4.92 -11.96 22.60
N ILE C 21 3.73 -11.41 22.41
CA ILE C 21 2.83 -11.05 23.50
C ILE C 21 1.57 -11.88 23.36
N SER C 22 1.19 -12.57 24.43
CA SER C 22 0.03 -13.44 24.45
C SER C 22 -1.15 -12.75 25.12
N CYS C 23 -2.35 -13.21 24.78
CA CYS C 23 -3.57 -12.66 25.38
C CYS C 23 -4.65 -13.74 25.27
N LYS C 24 -4.98 -14.35 26.40
CA LYS C 24 -5.97 -15.43 26.44
C LYS C 24 -7.31 -14.89 26.90
N ALA C 25 -8.35 -15.16 26.12
CA ALA C 25 -9.70 -14.79 26.51
C ALA C 25 -10.29 -15.87 27.42
N SER C 26 -11.09 -15.43 28.39
CA SER C 26 -11.79 -16.38 29.25
C SER C 26 -12.71 -17.27 28.44
N GLN C 27 -13.42 -16.68 27.48
CA GLN C 27 -14.27 -17.42 26.56
C GLN C 27 -13.99 -16.93 25.15
N SER C 28 -14.39 -17.73 24.17
CA SER C 28 -14.16 -17.39 22.77
C SER C 28 -14.85 -16.07 22.44
N ILE C 29 -14.10 -15.16 21.82
CA ILE C 29 -14.64 -13.88 21.37
C ILE C 29 -14.99 -13.98 19.89
N ASP C 30 -15.03 -15.21 19.38
CA ASP C 30 -15.35 -15.43 17.97
C ASP C 30 -16.79 -15.05 17.69
N TYR C 31 -17.00 -14.30 16.62
CA TYR C 31 -18.34 -13.96 16.14
C TYR C 31 -18.38 -14.18 14.64
N ASP C 32 -19.34 -14.99 14.18
CA ASP C 32 -19.49 -15.26 12.75
C ASP C 32 -18.21 -15.83 12.15
N GLY C 33 -17.43 -16.54 12.96
CA GLY C 33 -16.18 -17.10 12.49
C GLY C 33 -15.02 -16.14 12.45
N ASP C 34 -15.14 -14.99 13.11
CA ASP C 34 -14.08 -14.01 13.14
C ASP C 34 -13.93 -13.47 14.56
N ASN C 35 -12.70 -13.21 14.95
CA ASN C 35 -12.38 -12.66 16.27
C ASN C 35 -11.97 -11.20 16.13
N TYR C 36 -12.62 -10.34 16.90
CA TYR C 36 -12.35 -8.91 16.89
C TYR C 36 -11.49 -8.60 18.10
N MET C 37 -10.18 -8.43 17.86
CA MET C 37 -9.20 -8.28 18.93
C MET C 37 -8.22 -7.21 18.50
N ASN C 38 -8.30 -6.03 19.12
CA ASN C 38 -7.37 -4.97 18.83
C ASN C 38 -6.10 -5.12 19.67
N TRP C 39 -5.04 -4.48 19.20
CA TRP C 39 -3.77 -4.40 19.93
C TRP C 39 -3.32 -2.94 19.93
N TYR C 40 -3.01 -2.41 21.11
CA TYR C 40 -2.54 -1.05 21.26
C TYR C 40 -1.13 -1.06 21.85
N GLN C 41 -0.45 0.07 21.67
CA GLN C 41 0.73 0.37 22.47
C GLN C 41 0.55 1.76 23.08
N GLN C 42 1.20 1.98 24.21
CA GLN C 42 1.05 3.22 24.96
C GLN C 42 2.40 3.59 25.57
N LYS C 43 3.11 4.50 24.92
CA LYS C 43 4.32 5.04 25.49
C LYS C 43 3.97 5.94 26.68
N PRO C 44 4.91 6.13 27.60
CA PRO C 44 4.60 6.94 28.80
C PRO C 44 4.05 8.30 28.45
N GLY C 45 2.93 8.66 29.08
CA GLY C 45 2.35 9.97 28.90
C GLY C 45 1.66 10.18 27.57
N GLN C 46 1.26 9.11 26.89
CA GLN C 46 0.60 9.20 25.59
C GLN C 46 -0.65 8.34 25.57
N PRO C 47 -1.61 8.67 24.70
CA PRO C 47 -2.78 7.81 24.54
C PRO C 47 -2.43 6.54 23.81
N PRO C 48 -3.23 5.48 23.98
CA PRO C 48 -2.94 4.24 23.26
C PRO C 48 -2.96 4.43 21.74
N LYS C 49 -2.08 3.70 21.07
CA LYS C 49 -1.96 3.73 19.62
C LYS C 49 -2.38 2.38 19.07
N LEU C 50 -3.40 2.37 18.22
CA LEU C 50 -3.90 1.12 17.67
C LEU C 50 -2.92 0.56 16.65
N LEU C 51 -2.53 -0.70 16.85
CA LEU C 51 -1.65 -1.41 15.92
C LEU C 51 -2.44 -2.38 15.04
N ILE C 52 -3.18 -3.28 15.67
CA ILE C 52 -3.94 -4.32 14.97
C ILE C 52 -5.41 -4.18 15.34
N TYR C 53 -6.27 -4.57 14.40
CA TYR C 53 -7.68 -4.76 14.68
C TYR C 53 -8.16 -6.00 13.94
N THR C 54 -9.30 -6.53 14.38
CA THR C 54 -9.84 -7.77 13.83
C THR C 54 -8.81 -8.89 13.90
N THR C 55 -7.90 -8.78 14.86
CA THR C 55 -6.93 -9.79 15.29
C THR C 55 -5.82 -10.07 14.27
N SER C 56 -5.94 -9.53 13.07
CA SER C 56 -4.85 -9.67 12.10
C SER C 56 -4.65 -8.48 11.20
N ASN C 57 -5.40 -7.39 11.35
CA ASN C 57 -5.40 -6.31 10.37
C ASN C 57 -4.51 -5.18 10.87
N LEU C 58 -3.41 -4.93 10.15
CA LEU C 58 -2.50 -3.87 10.53
C LEU C 58 -3.14 -2.51 10.27
N GLU C 59 -3.09 -1.63 11.27
CA GLU C 59 -3.63 -0.30 11.10
C GLU C 59 -2.76 0.50 10.11
N SER C 60 -3.41 1.38 9.37
CA SER C 60 -2.72 2.15 8.35
C SER C 60 -1.67 3.05 8.98
N GLY C 61 -0.44 2.94 8.50
CA GLY C 61 0.67 3.72 9.00
C GLY C 61 1.58 2.98 9.96
N ILE C 62 1.11 1.87 10.51
CA ILE C 62 1.91 1.08 11.45
C ILE C 62 2.97 0.32 10.67
N PRO C 63 4.20 0.22 11.17
CA PRO C 63 5.20 -0.60 10.48
C PRO C 63 4.75 -2.05 10.37
N ALA C 64 5.12 -2.67 9.25
CA ALA C 64 4.70 -4.04 8.96
C ALA C 64 5.36 -5.07 9.87
N ARG C 65 6.17 -4.64 10.85
CA ARG C 65 6.81 -5.57 11.77
C ARG C 65 5.90 -5.95 12.93
N PHE C 66 4.69 -5.41 13.00
CA PHE C 66 3.68 -5.85 13.95
C PHE C 66 2.74 -6.81 13.26
N SER C 67 2.53 -7.98 13.85
CA SER C 67 1.68 -9.00 13.27
C SER C 67 0.73 -9.54 14.33
N GLY C 68 -0.55 -9.59 14.00
CA GLY C 68 -1.56 -10.16 14.88
C GLY C 68 -1.93 -11.55 14.43
N SER C 69 -2.07 -12.45 15.40
CA SER C 69 -2.30 -13.86 15.13
C SER C 69 -3.27 -14.41 16.15
N GLY C 70 -3.38 -15.73 16.19
CA GLY C 70 -4.22 -16.41 17.15
C GLY C 70 -5.68 -16.47 16.75
N SER C 71 -6.42 -17.29 17.48
CA SER C 71 -7.85 -17.44 17.26
C SER C 71 -8.41 -18.27 18.41
N GLY C 72 -9.74 -18.28 18.53
CA GLY C 72 -10.39 -18.94 19.63
C GLY C 72 -10.30 -18.13 20.91
N THR C 73 -9.56 -18.63 21.88
CA THR C 73 -9.29 -17.91 23.12
C THR C 73 -7.88 -17.35 23.19
N ASP C 74 -6.91 -18.04 22.62
CA ASP C 74 -5.51 -17.62 22.66
C ASP C 74 -5.23 -16.71 21.47
N PHE C 75 -4.74 -15.52 21.76
CA PHE C 75 -4.32 -14.56 20.75
C PHE C 75 -2.85 -14.21 20.99
N THR C 76 -2.25 -13.54 20.01
CA THR C 76 -0.81 -13.32 20.05
C THR C 76 -0.45 -12.11 19.21
N LEU C 77 0.44 -11.28 19.74
CA LEU C 77 1.04 -10.17 19.03
C LEU C 77 2.53 -10.42 18.91
N ASN C 78 3.08 -10.26 17.71
CA ASN C 78 4.48 -10.51 17.45
C ASN C 78 5.12 -9.25 16.88
N ILE C 79 6.29 -8.90 17.42
CA ILE C 79 7.04 -7.74 16.99
C ILE C 79 8.38 -8.25 16.46
N HIS C 80 8.65 -8.00 15.19
CA HIS C 80 9.89 -8.50 14.59
C HIS C 80 10.27 -7.66 13.39
N PRO C 81 11.42 -6.98 13.40
CA PRO C 81 12.45 -6.92 14.44
C PRO C 81 12.13 -5.92 15.54
N VAL C 82 12.32 -6.30 16.81
CA VAL C 82 12.17 -5.36 17.91
C VAL C 82 13.19 -4.23 17.72
N GLU C 83 12.71 -3.01 17.62
CA GLU C 83 13.52 -1.85 17.28
C GLU C 83 13.71 -0.96 18.51
N GLU C 84 14.38 0.17 18.27
CA GLU C 84 14.76 1.06 19.36
C GLU C 84 13.53 1.65 20.05
N GLY C 85 12.52 2.03 19.26
CA GLY C 85 11.37 2.73 19.79
C GLY C 85 10.16 1.86 20.03
N ASP C 86 10.38 0.66 20.55
CA ASP C 86 9.29 -0.26 20.89
C ASP C 86 9.14 -0.46 22.38
N ALA C 87 9.84 0.31 23.20
CA ALA C 87 9.70 0.24 24.65
C ALA C 87 8.39 0.91 25.03
N ALA C 88 7.38 0.10 25.35
CA ALA C 88 6.04 0.61 25.61
C ALA C 88 5.23 -0.51 26.24
N THR C 89 3.96 -0.22 26.52
CA THR C 89 3.02 -1.16 27.09
C THR C 89 1.98 -1.52 26.04
N TYR C 90 1.74 -2.81 25.86
CA TYR C 90 0.90 -3.31 24.78
C TYR C 90 -0.36 -3.94 25.39
N TYR C 91 -1.51 -3.57 24.84
CA TYR C 91 -2.81 -3.96 25.38
C TYR C 91 -3.60 -4.72 24.33
N CYS C 92 -4.37 -5.71 24.78
CA CYS C 92 -5.28 -6.46 23.94
C CYS C 92 -6.71 -6.14 24.34
N GLN C 93 -7.53 -5.77 23.35
CA GLN C 93 -8.93 -5.41 23.58
C GLN C 93 -9.81 -6.17 22.61
N GLN C 94 -10.99 -6.58 23.09
CA GLN C 94 -11.96 -7.30 22.29
C GLN C 94 -13.13 -6.36 21.98
N ASN C 95 -13.32 -6.06 20.70
CA ASN C 95 -14.44 -5.26 20.24
C ASN C 95 -15.56 -6.17 19.71
N ASN C 96 -16.04 -7.04 20.60
CA ASN C 96 -17.04 -8.04 20.24
C ASN C 96 -18.28 -8.02 21.13
N GLU C 97 -18.13 -7.88 22.44
CA GLU C 97 -19.25 -7.97 23.36
C GLU C 97 -19.19 -6.84 24.37
N ASP C 98 -20.31 -6.17 24.56
CA ASP C 98 -20.40 -5.12 25.57
C ASP C 98 -20.32 -5.75 26.97
N PRO C 99 -19.45 -5.24 27.85
CA PRO C 99 -18.46 -4.18 27.66
C PRO C 99 -17.20 -4.67 26.95
N TYR C 100 -16.56 -3.79 26.19
CA TYR C 100 -15.29 -4.11 25.57
C TYR C 100 -14.18 -3.98 26.60
N THR C 101 -13.45 -5.06 26.83
CA THR C 101 -12.48 -5.14 27.91
C THR C 101 -11.06 -5.15 27.35
N PHE C 102 -10.13 -4.62 28.15
CA PHE C 102 -8.71 -4.61 27.83
C PHE C 102 -7.98 -5.69 28.61
N GLY C 103 -6.78 -6.00 28.15
CA GLY C 103 -5.87 -6.83 28.92
C GLY C 103 -5.08 -6.01 29.93
N GLY C 104 -4.46 -6.72 30.87
CA GLY C 104 -3.71 -6.06 31.91
C GLY C 104 -2.51 -5.29 31.41
N GLY C 105 -2.08 -5.54 30.17
CA GLY C 105 -0.95 -4.85 29.60
C GLY C 105 0.38 -5.46 29.99
N THR C 106 1.28 -5.57 29.01
CA THR C 106 2.63 -6.05 29.24
C THR C 106 3.61 -5.04 28.68
N LYS C 107 4.60 -4.66 29.47
CA LYS C 107 5.57 -3.66 29.06
C LYS C 107 6.76 -4.34 28.40
N LEU C 108 7.12 -3.84 27.21
CA LEU C 108 8.23 -4.41 26.44
C LEU C 108 9.49 -3.63 26.78
N GLU C 109 10.45 -4.32 27.39
CA GLU C 109 11.75 -3.75 27.71
C GLU C 109 12.76 -4.17 26.64
N ILE C 110 13.64 -3.25 26.28
CA ILE C 110 14.67 -3.47 25.28
C ILE C 110 15.98 -3.75 25.99
N LYS C 111 16.63 -4.86 25.63
CA LYS C 111 17.92 -5.20 26.20
C LYS C 111 19.03 -4.44 25.48
N ARG C 112 20.01 -3.99 26.26
CA ARG C 112 21.09 -3.17 25.72
C ARG C 112 22.33 -3.42 26.56
N ALA C 113 23.48 -3.09 25.99
CA ALA C 113 24.75 -3.25 26.70
C ALA C 113 24.71 -2.45 28.00
N ASP C 114 25.14 -3.10 29.08
CA ASP C 114 25.12 -2.46 30.39
C ASP C 114 26.04 -1.23 30.39
N ALA C 115 25.57 -0.16 31.02
CA ALA C 115 26.30 1.09 31.12
C ALA C 115 26.39 1.51 32.59
N ALA C 116 27.16 2.56 32.83
CA ALA C 116 27.38 3.03 34.18
C ALA C 116 26.53 4.27 34.47
N PRO C 117 26.01 4.42 35.68
CA PRO C 117 25.24 5.61 36.03
C PRO C 117 26.15 6.81 36.28
N THR C 118 25.90 7.90 35.57
CA THR C 118 26.65 9.12 35.78
C THR C 118 26.20 9.78 37.07
N VAL C 119 26.56 9.18 38.20
CA VAL C 119 26.08 9.65 39.49
C VAL C 119 26.50 11.09 39.69
N SER C 120 25.54 11.93 40.09
CA SER C 120 25.77 13.35 40.35
C SER C 120 24.96 13.73 41.56
N ILE C 121 25.64 14.20 42.61
CA ILE C 121 25.00 14.59 43.86
C ILE C 121 24.96 16.11 43.92
N PHE C 122 23.88 16.64 44.47
CA PHE C 122 23.65 18.07 44.54
C PHE C 122 23.42 18.51 45.98
N PRO C 123 23.98 19.64 46.40
CA PRO C 123 23.73 20.14 47.75
C PRO C 123 22.36 20.79 47.84
N PRO C 124 21.74 20.79 49.02
CA PRO C 124 20.46 21.49 49.16
C PRO C 124 20.60 22.97 48.81
N SER C 125 19.61 23.49 48.11
CA SER C 125 19.63 24.88 47.70
C SER C 125 19.55 25.80 48.92
N SER C 126 20.39 26.83 48.93
CA SER C 126 20.23 27.88 49.94
C SER C 126 18.87 28.54 49.81
N GLU C 127 18.32 28.61 48.59
CA GLU C 127 16.96 29.06 48.41
C GLU C 127 15.99 28.22 49.23
N GLN C 128 16.13 26.90 49.15
CA GLN C 128 15.27 26.02 49.95
C GLN C 128 15.54 26.20 51.43
N LEU C 129 16.81 26.30 51.83
CA LEU C 129 17.13 26.46 53.24
C LEU C 129 16.60 27.77 53.79
N THR C 130 16.32 28.74 52.92
CA THR C 130 15.67 29.97 53.38
C THR C 130 14.30 29.67 53.97
N SER C 131 13.67 28.59 53.55
CA SER C 131 12.37 28.17 54.06
C SER C 131 12.47 27.15 55.18
N GLY C 132 13.69 26.85 55.64
CA GLY C 132 13.89 25.90 56.72
C GLY C 132 14.02 24.46 56.31
N GLY C 133 13.95 24.15 55.01
CA GLY C 133 14.08 22.78 54.54
C GLY C 133 15.36 22.54 53.77
N ALA C 134 15.71 21.28 53.57
CA ALA C 134 16.92 20.94 52.80
C ALA C 134 16.80 19.50 52.36
N SER C 135 16.85 19.27 51.05
CA SER C 135 16.76 17.94 50.47
C SER C 135 17.98 17.70 49.57
N VAL C 136 18.72 16.65 49.86
CA VAL C 136 19.87 16.25 49.04
C VAL C 136 19.37 15.31 47.96
N VAL C 137 19.62 15.67 46.70
CA VAL C 137 19.20 14.86 45.56
C VAL C 137 20.43 14.25 44.90
N CYS C 138 20.20 13.16 44.19
CA CYS C 138 21.28 12.39 43.57
C CYS C 138 20.73 11.76 42.31
N PHE C 139 21.21 12.20 41.15
CA PHE C 139 20.72 11.73 39.87
C PHE C 139 21.63 10.63 39.35
N LEU C 140 21.05 9.46 39.07
CA LEU C 140 21.76 8.32 38.53
C LEU C 140 21.28 8.15 37.09
N ASN C 141 21.95 8.82 36.16
CA ASN C 141 21.48 8.98 34.80
C ASN C 141 22.09 7.93 33.88
N ASN C 142 21.28 7.43 32.95
CA ASN C 142 21.73 6.65 31.81
C ASN C 142 22.54 5.42 32.26
N PHE C 143 21.84 4.52 32.93
CA PHE C 143 22.40 3.22 33.29
C PHE C 143 21.51 2.11 32.74
N TYR C 144 21.94 0.87 32.95
CA TYR C 144 21.18 -0.31 32.57
C TYR C 144 21.83 -1.54 33.19
N PRO C 145 21.07 -2.54 33.64
CA PRO C 145 19.61 -2.66 33.65
C PRO C 145 18.91 -1.83 34.73
N LYS C 146 17.62 -2.06 34.90
CA LYS C 146 16.80 -1.23 35.77
C LYS C 146 17.27 -1.32 37.22
N ASP C 147 17.53 -2.52 37.70
CA ASP C 147 17.75 -2.72 39.13
C ASP C 147 19.01 -1.98 39.58
N ILE C 148 18.85 -1.14 40.59
CA ILE C 148 19.97 -0.40 41.18
C ILE C 148 19.51 0.11 42.55
N ASN C 149 20.41 0.03 43.52
CA ASN C 149 20.14 0.47 44.88
C ASN C 149 21.16 1.51 45.29
N VAL C 150 20.72 2.47 46.10
CA VAL C 150 21.51 3.63 46.48
C VAL C 150 21.65 3.66 47.99
N LYS C 151 22.84 4.01 48.46
CA LYS C 151 23.13 4.12 49.88
C LYS C 151 23.46 5.58 50.21
N TRP C 152 22.79 6.12 51.23
CA TRP C 152 23.01 7.48 51.69
C TRP C 152 23.77 7.40 53.01
N LYS C 153 25.01 7.90 53.01
CA LYS C 153 25.86 7.91 54.19
C LYS C 153 26.11 9.34 54.61
N ILE C 154 25.91 9.63 55.89
CA ILE C 154 26.26 10.92 56.48
C ILE C 154 27.19 10.63 57.65
N ASP C 155 28.42 11.16 57.57
CA ASP C 155 29.44 10.89 58.58
C ASP C 155 29.72 9.39 58.69
N GLY C 156 29.51 8.66 57.59
CA GLY C 156 29.72 7.23 57.57
C GLY C 156 28.55 6.39 58.03
N SER C 157 27.46 7.02 58.47
CA SER C 157 26.28 6.31 58.94
C SER C 157 25.25 6.26 57.81
N GLU C 158 24.84 5.05 57.44
CA GLU C 158 23.84 4.90 56.39
C GLU C 158 22.47 5.33 56.90
N ARG C 159 21.70 5.94 56.00
CA ARG C 159 20.39 6.49 56.34
C ARG C 159 19.33 5.78 55.50
N GLN C 160 18.31 5.26 56.18
CA GLN C 160 17.17 4.61 55.52
C GLN C 160 15.89 5.42 55.66
N ASN C 161 15.96 6.62 56.21
CA ASN C 161 14.79 7.45 56.47
C ASN C 161 14.77 8.63 55.51
N GLY C 162 13.61 8.89 54.92
CA GLY C 162 13.45 10.02 54.03
C GLY C 162 14.08 9.86 52.67
N VAL C 163 14.35 8.63 52.24
CA VAL C 163 14.94 8.36 50.95
C VAL C 163 13.83 8.01 49.97
N LEU C 164 13.57 8.91 49.02
CA LEU C 164 12.55 8.72 48.01
C LEU C 164 13.21 8.57 46.65
N ASN C 165 12.88 7.49 45.95
CA ASN C 165 13.48 7.17 44.66
C ASN C 165 12.41 7.27 43.57
N SER C 166 12.81 7.85 42.43
CA SER C 166 11.89 8.05 41.31
C SER C 166 12.60 7.62 40.03
N TRP C 167 12.34 6.39 39.60
CA TRP C 167 12.86 5.92 38.33
C TRP C 167 12.12 6.57 37.17
N THR C 168 12.74 6.55 36.00
CA THR C 168 12.10 6.92 34.76
C THR C 168 11.71 5.66 33.99
N ASP C 169 10.87 5.85 32.98
CA ASP C 169 10.61 4.79 32.02
C ASP C 169 11.80 4.64 31.09
N GLN C 170 11.95 3.45 30.53
CA GLN C 170 13.07 3.20 29.63
C GLN C 170 13.03 4.18 28.47
N ASP C 171 14.15 4.87 28.26
CA ASP C 171 14.23 5.86 27.21
C ASP C 171 14.08 5.21 25.84
N SER C 172 13.52 5.96 24.90
CA SER C 172 13.44 5.52 23.52
C SER C 172 14.60 6.01 22.67
N LYS C 173 15.26 7.09 23.07
CA LYS C 173 16.40 7.60 22.31
C LYS C 173 17.57 6.62 22.37
N ASP C 174 17.86 6.08 23.56
CA ASP C 174 19.02 5.21 23.74
C ASP C 174 18.76 4.01 24.65
N SER C 175 17.53 3.82 25.13
CA SER C 175 17.17 2.64 25.91
C SER C 175 18.03 2.52 27.18
N THR C 176 17.90 3.52 28.04
CA THR C 176 18.56 3.51 29.34
C THR C 176 17.56 3.89 30.43
N TYR C 177 17.78 3.32 31.61
CA TYR C 177 16.98 3.60 32.79
C TYR C 177 17.72 4.61 33.65
N SER C 178 17.07 5.73 33.95
CA SER C 178 17.61 6.75 34.83
C SER C 178 16.86 6.73 36.15
N MET C 179 17.54 7.15 37.21
CA MET C 179 17.00 7.11 38.56
C MET C 179 17.32 8.41 39.28
N SER C 180 16.50 8.74 40.26
CA SER C 180 16.68 9.93 41.09
C SER C 180 16.43 9.56 42.54
N SER C 181 17.34 9.98 43.41
CA SER C 181 17.21 9.77 44.84
C SER C 181 17.26 11.12 45.55
N THR C 182 16.34 11.31 46.50
CA THR C 182 16.26 12.53 47.28
C THR C 182 16.13 12.18 48.75
N LEU C 183 16.96 12.82 49.58
CA LEU C 183 16.98 12.59 51.02
C LEU C 183 16.59 13.90 51.69
N THR C 184 15.31 14.02 52.05
CA THR C 184 14.80 15.27 52.60
C THR C 184 15.09 15.37 54.09
N LEU C 185 15.36 16.59 54.53
CA LEU C 185 15.62 16.87 55.93
C LEU C 185 15.32 18.32 56.22
N THR C 186 15.04 18.62 57.49
CA THR C 186 14.98 20.00 57.92
C THR C 186 16.38 20.49 58.28
N LYS C 187 16.52 21.81 58.40
CA LYS C 187 17.84 22.41 58.42
C LYS C 187 18.68 21.91 59.60
N ASP C 188 18.07 21.61 60.75
CA ASP C 188 18.86 21.30 61.93
C ASP C 188 19.68 20.03 61.73
N GLU C 189 19.06 18.96 61.23
CA GLU C 189 19.85 17.76 60.94
C GLU C 189 20.81 18.00 59.78
N TYR C 190 20.42 18.82 58.82
CA TYR C 190 21.29 19.05 57.66
C TYR C 190 22.61 19.68 58.08
N GLU C 191 22.56 20.68 58.96
CA GLU C 191 23.76 21.32 59.46
C GLU C 191 24.35 20.63 60.68
N ARG C 192 23.65 19.62 61.22
CA ARG C 192 24.25 18.77 62.24
C ARG C 192 25.40 17.92 61.69
N HIS C 193 25.51 17.83 60.37
CA HIS C 193 26.62 17.14 59.71
C HIS C 193 27.13 18.02 58.58
N ASN C 194 28.21 17.60 57.95
CA ASN C 194 28.80 18.36 56.86
C ASN C 194 29.04 17.49 55.63
N SER C 195 29.29 16.20 55.84
CA SER C 195 29.66 15.28 54.77
C SER C 195 28.46 14.44 54.36
N TYR C 196 28.15 14.44 53.07
CA TYR C 196 27.10 13.61 52.50
C TYR C 196 27.65 12.91 51.26
N THR C 197 27.15 11.70 51.00
CA THR C 197 27.59 10.94 49.86
C THR C 197 26.46 10.06 49.35
N CYS C 198 26.42 9.88 48.04
CA CYS C 198 25.43 9.04 47.36
C CYS C 198 26.16 7.87 46.71
N GLU C 199 26.00 6.68 47.28
CA GLU C 199 26.66 5.49 46.77
C GLU C 199 25.65 4.64 46.00
N ALA C 200 25.99 4.32 44.75
CA ALA C 200 25.14 3.51 43.89
C ALA C 200 25.81 2.16 43.66
N THR C 201 25.11 1.09 43.99
CA THR C 201 25.55 -0.27 43.68
C THR C 201 24.79 -0.76 42.46
N HIS C 202 25.53 -1.15 41.43
CA HIS C 202 24.94 -1.56 40.16
C HIS C 202 25.74 -2.73 39.61
N LYS C 203 25.05 -3.65 38.94
CA LYS C 203 25.72 -4.84 38.41
C LYS C 203 26.34 -4.54 37.05
N THR C 204 27.13 -3.47 36.99
CA THR C 204 28.02 -3.21 35.86
C THR C 204 29.44 -2.97 36.31
N SER C 205 29.70 -2.97 37.62
CA SER C 205 31.04 -2.79 38.16
C SER C 205 31.14 -3.56 39.46
N THR C 206 32.37 -3.89 39.84
CA THR C 206 32.58 -4.73 41.02
C THR C 206 32.14 -4.00 42.28
N SER C 207 32.54 -2.74 42.45
CA SER C 207 32.25 -2.00 43.65
C SER C 207 31.27 -0.86 43.37
N PRO C 208 30.48 -0.46 44.36
CA PRO C 208 29.51 0.62 44.14
C PRO C 208 30.18 1.94 43.83
N ILE C 209 29.54 2.72 42.95
CA ILE C 209 30.01 4.08 42.67
C ILE C 209 29.66 4.97 43.85
N VAL C 210 30.52 5.94 44.14
CA VAL C 210 30.36 6.86 45.25
C VAL C 210 30.57 8.28 44.77
N LYS C 211 29.62 9.16 45.07
CA LYS C 211 29.76 10.59 44.86
C LYS C 211 29.42 11.30 46.18
N SER C 212 30.18 12.34 46.50
CA SER C 212 30.04 12.99 47.79
C SER C 212 30.35 14.46 47.68
N PHE C 213 29.78 15.22 48.62
CA PHE C 213 30.17 16.61 48.86
C PHE C 213 30.14 16.82 50.37
N ASN C 214 31.09 17.60 50.87
CA ASN C 214 31.11 18.00 52.26
C ASN C 214 30.83 19.50 52.36
N ARG C 215 30.18 19.89 53.44
CA ARG C 215 29.70 21.25 53.63
C ARG C 215 30.82 22.25 53.94
N ASN C 216 32.08 21.84 53.88
CA ASN C 216 33.17 22.74 54.23
C ASN C 216 33.40 23.80 53.16
N GLU C 217 33.34 23.41 51.89
CA GLU C 217 33.59 24.35 50.80
C GLU C 217 32.33 25.01 50.27
N CYS C 218 31.18 24.74 50.85
CA CYS C 218 29.93 25.36 50.43
C CYS C 218 29.92 26.84 50.79
N GLU D 1 -5.22 15.10 9.91
CA GLU D 1 -6.31 14.10 10.12
C GLU D 1 -7.26 14.59 11.20
N VAL D 2 -7.93 13.67 11.88
CA VAL D 2 -8.87 14.01 12.95
C VAL D 2 -8.09 14.47 14.18
N GLN D 3 -8.73 15.33 14.97
CA GLN D 3 -8.18 15.82 16.21
C GLN D 3 -9.23 15.73 17.30
N LEU D 4 -8.76 15.53 18.54
CA LEU D 4 -9.64 15.41 19.70
C LEU D 4 -8.95 16.14 20.86
N GLN D 5 -9.38 17.36 21.13
CA GLN D 5 -8.79 18.18 22.18
C GLN D 5 -9.74 18.18 23.38
N GLN D 6 -9.21 17.78 24.53
CA GLN D 6 -10.00 17.66 25.75
C GLN D 6 -9.78 18.85 26.68
N SER D 7 -10.57 18.88 27.74
CA SER D 7 -10.36 19.84 28.82
C SER D 7 -9.19 19.39 29.68
N GLY D 8 -8.43 20.36 30.17
CA GLY D 8 -7.23 20.07 30.94
C GLY D 8 -7.54 19.38 32.25
N PRO D 9 -6.51 19.18 33.06
CA PRO D 9 -6.69 18.51 34.35
C PRO D 9 -7.65 19.29 35.24
N GLU D 10 -8.38 18.56 36.08
CA GLU D 10 -9.39 19.15 36.94
C GLU D 10 -9.34 18.47 38.30
N LEU D 11 -9.16 19.26 39.35
CA LEU D 11 -9.22 18.76 40.72
C LEU D 11 -10.65 18.93 41.23
N VAL D 12 -11.26 17.83 41.65
CA VAL D 12 -12.67 17.80 42.03
C VAL D 12 -12.77 17.15 43.40
N LYS D 13 -13.49 17.79 44.31
CA LYS D 13 -13.63 17.26 45.65
C LYS D 13 -14.53 16.04 45.66
N PRO D 14 -14.41 15.18 46.68
CA PRO D 14 -15.25 13.97 46.73
C PRO D 14 -16.73 14.32 46.78
N GLY D 15 -17.54 13.44 46.20
CA GLY D 15 -18.97 13.66 46.14
C GLY D 15 -19.33 14.92 45.40
N ALA D 16 -18.99 14.98 44.13
CA ALA D 16 -19.26 16.15 43.30
C ALA D 16 -19.48 15.68 41.87
N SER D 17 -19.39 16.61 40.91
CA SER D 17 -19.58 16.28 39.51
C SER D 17 -18.71 17.20 38.67
N MET D 18 -18.39 16.73 37.46
CA MET D 18 -17.56 17.48 36.54
C MET D 18 -17.88 17.04 35.12
N LYS D 19 -17.47 17.85 34.15
CA LYS D 19 -17.70 17.57 32.74
C LYS D 19 -16.39 17.58 32.01
N ILE D 20 -16.11 16.50 31.29
CA ILE D 20 -14.90 16.37 30.48
C ILE D 20 -15.33 16.52 29.02
N SER D 21 -14.90 17.60 28.39
CA SER D 21 -15.22 17.84 26.99
C SER D 21 -14.19 17.20 26.08
N CYS D 22 -14.58 17.01 24.83
CA CYS D 22 -13.67 16.46 23.82
C CYS D 22 -14.05 17.10 22.49
N LYS D 23 -13.36 18.19 22.16
CA LYS D 23 -13.67 18.95 20.96
C LYS D 23 -13.05 18.29 19.73
N THR D 24 -13.87 18.09 18.71
CA THR D 24 -13.47 17.36 17.51
C THR D 24 -13.17 18.33 16.37
N SER D 25 -12.19 17.95 15.55
CA SER D 25 -11.80 18.77 14.41
C SER D 25 -11.30 17.85 13.30
N GLY D 26 -11.39 18.35 12.08
CA GLY D 26 -10.93 17.61 10.92
C GLY D 26 -11.91 16.63 10.34
N TYR D 27 -13.14 16.60 10.84
CA TYR D 27 -14.14 15.67 10.33
C TYR D 27 -15.52 16.08 10.85
N SER D 28 -16.55 15.69 10.11
CA SER D 28 -17.91 15.99 10.53
C SER D 28 -18.22 15.28 11.84
N PHE D 29 -18.63 16.05 12.83
CA PHE D 29 -18.71 15.54 14.20
C PHE D 29 -19.70 14.37 14.30
N THR D 30 -20.82 14.46 13.59
CA THR D 30 -21.86 13.45 13.70
C THR D 30 -21.53 12.17 12.94
N GLY D 31 -20.47 12.15 12.14
CA GLY D 31 -20.19 10.99 11.33
C GLY D 31 -19.80 9.78 12.14
N TYR D 32 -19.00 9.97 13.18
CA TYR D 32 -18.35 8.88 13.88
C TYR D 32 -18.80 8.85 15.34
N THR D 33 -18.92 7.64 15.89
CA THR D 33 -19.22 7.48 17.30
C THR D 33 -18.01 7.84 18.15
N MET D 34 -18.28 8.25 19.38
CA MET D 34 -17.26 8.72 20.32
C MET D 34 -17.22 7.78 21.50
N ASN D 35 -16.11 7.06 21.64
CA ASN D 35 -15.90 6.19 22.79
C ASN D 35 -15.17 6.95 23.88
N TRP D 36 -15.38 6.52 25.12
CA TRP D 36 -14.72 7.10 26.28
C TRP D 36 -14.05 5.99 27.07
N VAL D 37 -12.79 6.20 27.41
CA VAL D 37 -11.96 5.19 28.06
C VAL D 37 -11.32 5.80 29.29
N LYS D 38 -11.03 4.95 30.26
CA LYS D 38 -10.46 5.37 31.53
C LYS D 38 -9.24 4.52 31.85
N GLN D 39 -8.14 5.17 32.18
CA GLN D 39 -6.90 4.48 32.56
C GLN D 39 -6.57 4.83 34.00
N SER D 40 -6.79 3.89 34.91
CA SER D 40 -6.54 4.10 36.32
C SER D 40 -5.22 3.47 36.73
N HIS D 41 -4.52 4.12 37.65
CA HIS D 41 -3.21 3.71 38.11
C HIS D 41 -2.17 3.74 36.99
N GLY D 42 -2.52 4.29 35.83
CA GLY D 42 -1.62 4.38 34.71
C GLY D 42 -1.58 3.15 33.81
N LYS D 43 -2.26 2.07 34.17
CA LYS D 43 -2.20 0.85 33.36
C LYS D 43 -3.55 0.22 33.08
N ASN D 44 -4.51 0.40 33.99
CA ASN D 44 -5.80 -0.29 33.87
C ASN D 44 -6.72 0.53 32.98
N LEU D 45 -6.72 0.20 31.69
CA LEU D 45 -7.66 0.80 30.75
C LEU D 45 -9.03 0.16 30.90
N GLU D 46 -10.06 0.99 31.05
CA GLU D 46 -11.42 0.52 31.26
C GLU D 46 -12.35 1.27 30.32
N TRP D 47 -13.20 0.52 29.62
CA TRP D 47 -14.15 1.13 28.70
C TRP D 47 -15.33 1.72 29.48
N ILE D 48 -15.70 2.95 29.12
CA ILE D 48 -16.78 3.66 29.79
C ILE D 48 -18.06 3.53 28.97
N GLY D 49 -18.03 4.04 27.74
CA GLY D 49 -19.18 3.97 26.88
C GLY D 49 -18.96 4.76 25.61
N LEU D 50 -19.91 4.62 24.70
CA LEU D 50 -19.86 5.29 23.41
C LEU D 50 -21.19 5.98 23.14
N ILE D 51 -21.12 7.06 22.37
CA ILE D 51 -22.29 7.86 21.99
C ILE D 51 -22.29 8.07 20.49
N ASN D 52 -23.46 7.92 19.88
CA ASN D 52 -23.65 8.29 18.48
C ASN D 52 -24.08 9.75 18.44
N PRO D 53 -23.26 10.67 17.94
CA PRO D 53 -23.61 12.09 18.02
C PRO D 53 -24.70 12.52 17.07
N TYR D 54 -25.17 11.63 16.18
CA TYR D 54 -26.20 12.01 15.22
C TYR D 54 -27.58 11.98 15.87
N ASN D 55 -27.99 10.81 16.35
CA ASN D 55 -29.26 10.65 17.04
C ASN D 55 -29.14 10.81 18.54
N GLY D 56 -27.97 10.51 19.11
CA GLY D 56 -27.72 10.74 20.51
C GLY D 56 -27.94 9.56 21.44
N ASP D 57 -27.96 8.34 20.92
CA ASP D 57 -28.17 7.16 21.75
C ASP D 57 -26.83 6.58 22.17
N THR D 58 -26.68 6.31 23.46
CA THR D 58 -25.42 5.89 24.04
C THR D 58 -25.43 4.40 24.36
N SER D 59 -24.31 3.92 24.88
CA SER D 59 -24.19 2.54 25.33
C SER D 59 -23.07 2.50 26.37
N TYR D 60 -23.44 2.34 27.64
CA TYR D 60 -22.51 2.42 28.73
C TYR D 60 -22.07 1.04 29.21
N ASN D 61 -20.91 0.99 29.85
CA ASN D 61 -20.58 -0.13 30.70
C ASN D 61 -21.56 -0.20 31.85
N GLN D 62 -22.06 -1.41 32.13
CA GLN D 62 -22.94 -1.57 33.28
C GLN D 62 -22.23 -1.22 34.58
N LYS D 63 -20.90 -1.25 34.59
CA LYS D 63 -20.14 -0.83 35.75
C LYS D 63 -20.13 0.69 35.89
N PHE D 64 -20.26 1.41 34.78
CA PHE D 64 -20.24 2.87 34.76
C PHE D 64 -21.62 3.49 34.55
N LYS D 65 -22.67 2.69 34.56
CA LYS D 65 -24.01 3.23 34.45
C LYS D 65 -24.41 3.93 35.74
N GLY D 66 -24.91 5.15 35.63
CA GLY D 66 -25.21 5.98 36.76
C GLY D 66 -24.03 6.79 37.28
N LYS D 67 -22.82 6.53 36.78
CA LYS D 67 -21.64 7.30 37.13
C LYS D 67 -21.19 8.22 36.02
N ALA D 68 -21.36 7.83 34.76
CA ALA D 68 -21.00 8.65 33.62
C ALA D 68 -22.20 8.79 32.70
N THR D 69 -22.42 10.01 32.21
CA THR D 69 -23.47 10.30 31.25
C THR D 69 -22.84 11.01 30.06
N LEU D 70 -23.16 10.53 28.86
CA LEU D 70 -22.54 10.98 27.63
C LEU D 70 -23.51 11.87 26.86
N THR D 71 -23.06 13.07 26.52
CA THR D 71 -23.84 14.02 25.75
C THR D 71 -22.97 14.62 24.65
N VAL D 72 -23.62 15.25 23.68
CA VAL D 72 -22.94 15.88 22.56
C VAL D 72 -23.53 17.27 22.34
N ASP D 73 -22.73 18.11 21.68
CA ASP D 73 -23.14 19.45 21.27
C ASP D 73 -22.74 19.59 19.80
N LYS D 74 -23.68 19.27 18.90
CA LYS D 74 -23.37 19.28 17.48
C LYS D 74 -22.94 20.67 17.01
N SER D 75 -23.46 21.71 17.65
CA SER D 75 -23.17 23.07 17.21
C SER D 75 -21.68 23.38 17.29
N SER D 76 -21.03 22.99 18.39
CA SER D 76 -19.62 23.27 18.61
C SER D 76 -18.74 22.05 18.45
N SER D 77 -19.30 20.92 18.01
CA SER D 77 -18.52 19.72 17.70
C SER D 77 -17.72 19.25 18.90
N THR D 78 -18.31 19.34 20.09
CA THR D 78 -17.67 18.93 21.33
C THR D 78 -18.56 17.92 22.04
N ALA D 79 -18.01 16.75 22.33
CA ALA D 79 -18.69 15.77 23.15
C ALA D 79 -18.39 16.01 24.62
N TYR D 80 -19.20 15.41 25.48
CA TYR D 80 -19.09 15.61 26.91
C TYR D 80 -19.20 14.27 27.63
N MET D 81 -18.67 14.24 28.85
CA MET D 81 -18.88 13.12 29.76
C MET D 81 -18.94 13.68 31.17
N GLU D 82 -20.08 13.53 31.82
CA GLU D 82 -20.28 14.04 33.16
C GLU D 82 -20.13 12.89 34.16
N LEU D 83 -19.15 13.00 35.05
CA LEU D 83 -18.93 12.03 36.10
C LEU D 83 -19.74 12.43 37.32
N LEU D 84 -20.52 11.50 37.84
CA LEU D 84 -21.47 11.76 38.92
C LEU D 84 -20.99 11.12 40.21
N SER D 85 -21.06 11.88 41.30
CA SER D 85 -20.71 11.39 42.63
C SER D 85 -19.31 10.79 42.62
N LEU D 86 -18.34 11.65 42.36
CA LEU D 86 -16.95 11.20 42.24
C LEU D 86 -16.45 10.65 43.57
N THR D 87 -15.52 9.70 43.46
CA THR D 87 -14.97 8.99 44.60
C THR D 87 -13.47 8.85 44.40
N SER D 88 -12.78 8.38 45.44
CA SER D 88 -11.35 8.13 45.33
C SER D 88 -11.04 7.14 44.21
N GLU D 89 -12.00 6.28 43.86
CA GLU D 89 -11.80 5.32 42.80
C GLU D 89 -11.80 5.96 41.41
N ASP D 90 -12.38 7.14 41.27
CA ASP D 90 -12.58 7.77 39.97
C ASP D 90 -11.40 8.61 39.52
N SER D 91 -10.31 8.64 40.27
CA SER D 91 -9.13 9.36 39.86
C SER D 91 -8.41 8.57 38.76
N ALA D 92 -8.35 9.13 37.57
CA ALA D 92 -7.79 8.43 36.42
C ALA D 92 -7.67 9.42 35.27
N VAL D 93 -7.29 8.92 34.10
CA VAL D 93 -7.20 9.70 32.88
C VAL D 93 -8.29 9.21 31.94
N TYR D 94 -9.12 10.13 31.46
CA TYR D 94 -10.28 9.81 30.66
C TYR D 94 -10.00 10.23 29.21
N TYR D 95 -9.89 9.24 28.33
CA TYR D 95 -9.62 9.45 26.92
C TYR D 95 -10.92 9.45 26.11
N CYS D 96 -10.85 10.06 24.93
CA CYS D 96 -11.96 10.06 23.98
C CYS D 96 -11.40 9.67 22.61
N GLU D 97 -11.74 8.48 22.14
CA GLU D 97 -11.41 8.05 20.79
C GLU D 97 -12.66 8.01 19.94
N VAL D 98 -12.45 7.79 18.64
CA VAL D 98 -13.53 7.88 17.67
C VAL D 98 -13.65 6.54 16.93
N ILE D 99 -12.58 6.12 16.27
CA ILE D 99 -12.57 4.88 15.50
C ILE D 99 -11.52 3.95 16.07
N ASN D 100 -11.24 4.10 17.36
CA ASN D 100 -10.16 3.40 18.06
C ASN D 100 -8.79 3.84 17.57
N THR D 101 -8.72 4.82 16.66
CA THR D 101 -7.47 5.28 16.06
C THR D 101 -7.06 6.65 16.56
N TYR D 102 -7.99 7.61 16.60
CA TYR D 102 -7.69 8.98 16.98
C TYR D 102 -8.18 9.19 18.40
N TRP D 103 -7.25 9.40 19.32
CA TRP D 103 -7.54 9.57 20.74
C TRP D 103 -7.29 11.02 21.16
N GLY D 104 -7.87 11.38 22.30
CA GLY D 104 -7.54 12.62 22.95
C GLY D 104 -6.26 12.50 23.75
N GLN D 105 -5.86 13.64 24.33
CA GLN D 105 -4.63 13.68 25.11
C GLN D 105 -4.83 13.23 26.55
N GLY D 106 -6.06 13.02 26.98
CA GLY D 106 -6.32 12.56 28.33
C GLY D 106 -6.62 13.67 29.30
N THR D 107 -7.78 13.58 29.96
CA THR D 107 -8.18 14.53 31.00
C THR D 107 -7.88 13.88 32.34
N LEU D 108 -6.80 14.32 32.98
CA LEU D 108 -6.42 13.80 34.29
C LEU D 108 -7.36 14.35 35.36
N VAL D 109 -8.13 13.45 35.98
CA VAL D 109 -9.10 13.80 37.00
C VAL D 109 -8.54 13.37 38.35
N THR D 110 -8.41 14.33 39.26
CA THR D 110 -7.95 14.07 40.62
C THR D 110 -9.13 14.31 41.56
N VAL D 111 -9.59 13.25 42.20
CA VAL D 111 -10.71 13.32 43.13
C VAL D 111 -10.13 13.32 44.54
N SER D 112 -9.92 14.52 45.08
CA SER D 112 -9.39 14.67 46.43
C SER D 112 -9.97 15.92 47.05
N ALA D 113 -10.06 15.92 48.38
CA ALA D 113 -10.49 17.08 49.14
C ALA D 113 -9.33 17.96 49.58
N ALA D 114 -8.11 17.60 49.22
CA ALA D 114 -6.94 18.36 49.65
C ALA D 114 -6.89 19.70 48.92
N LYS D 115 -5.99 20.56 49.38
CA LYS D 115 -5.88 21.92 48.88
C LYS D 115 -4.84 22.00 47.77
N THR D 116 -5.04 22.96 46.87
CA THR D 116 -4.04 23.25 45.85
C THR D 116 -2.84 23.94 46.46
N THR D 117 -1.69 23.78 45.82
CA THR D 117 -0.46 24.41 46.30
C THR D 117 0.54 24.57 45.16
N PRO D 118 1.02 25.78 44.87
CA PRO D 118 2.00 25.94 43.80
C PRO D 118 3.33 25.32 44.19
N PRO D 119 4.15 24.93 43.21
CA PRO D 119 5.43 24.29 43.53
C PRO D 119 6.47 25.32 43.95
N SER D 120 7.14 25.05 45.08
CA SER D 120 8.24 25.89 45.56
C SER D 120 9.53 25.40 44.93
N VAL D 121 9.74 25.83 43.68
CA VAL D 121 10.89 25.36 42.92
C VAL D 121 12.19 25.78 43.58
N TYR D 122 13.21 24.95 43.42
CA TYR D 122 14.54 25.20 43.95
C TYR D 122 15.57 24.86 42.88
N PRO D 123 16.74 25.50 42.89
CA PRO D 123 17.79 25.15 41.94
C PRO D 123 18.71 24.06 42.48
N LEU D 124 19.39 23.40 41.54
CA LEU D 124 20.33 22.34 41.85
C LEU D 124 21.62 22.60 41.08
N ALA D 125 22.54 23.34 41.70
CA ALA D 125 23.85 23.53 41.11
C ALA D 125 24.85 22.50 41.67
N PRO D 126 25.84 22.09 40.89
CA PRO D 126 26.77 21.07 41.37
C PRO D 126 27.65 21.59 42.50
N GLY D 127 28.16 20.65 43.29
CA GLY D 127 29.12 20.96 44.33
C GLY D 127 30.52 21.09 43.77
N SER D 128 31.49 20.45 44.42
CA SER D 128 32.87 20.43 43.95
C SER D 128 33.29 19.06 43.43
N ALA D 129 32.37 18.11 43.35
CA ALA D 129 32.67 16.77 42.86
C ALA D 129 32.29 16.58 41.39
N ALA D 130 31.25 17.27 40.92
CA ALA D 130 30.82 17.19 39.54
C ALA D 130 31.34 18.35 38.69
N GLN D 131 32.25 19.15 39.23
CA GLN D 131 32.84 20.27 38.52
C GLN D 131 34.08 19.86 37.73
N THR D 132 34.46 18.58 37.77
CA THR D 132 35.68 18.10 37.12
C THR D 132 35.42 17.39 35.80
N ASN D 133 34.16 17.06 35.49
CA ASN D 133 33.87 16.28 34.30
C ASN D 133 33.67 17.19 33.09
N SER D 134 33.53 16.54 31.92
CA SER D 134 33.47 17.28 30.66
C SER D 134 32.23 18.15 30.57
N MET D 135 31.08 17.64 31.01
CA MET D 135 29.82 18.35 30.89
C MET D 135 29.09 18.33 32.22
N VAL D 136 28.45 19.46 32.54
CA VAL D 136 27.82 19.67 33.84
C VAL D 136 26.39 19.14 33.80
N THR D 137 25.96 18.55 34.90
CA THR D 137 24.59 18.06 35.07
C THR D 137 23.87 18.97 36.05
N LEU D 138 22.90 19.72 35.54
CA LEU D 138 22.10 20.63 36.36
C LEU D 138 20.70 20.05 36.52
N GLY D 139 19.99 20.55 37.54
CA GLY D 139 18.67 20.04 37.83
C GLY D 139 17.77 21.08 38.45
N CYS D 140 16.49 20.75 38.51
CA CYS D 140 15.46 21.61 39.09
C CYS D 140 14.58 20.73 39.98
N LEU D 141 14.47 21.09 41.25
CA LEU D 141 13.69 20.32 42.23
C LEU D 141 12.35 21.01 42.42
N VAL D 142 11.31 20.42 41.84
CA VAL D 142 9.94 20.91 41.98
C VAL D 142 9.36 20.23 43.21
N LYS D 143 9.23 20.98 44.30
CA LYS D 143 8.94 20.43 45.61
C LYS D 143 7.62 20.96 46.15
N GLY D 144 6.87 20.08 46.81
CA GLY D 144 5.70 20.48 47.57
C GLY D 144 4.63 21.17 46.77
N TYR D 145 3.99 20.45 45.85
CA TYR D 145 2.88 20.98 45.08
C TYR D 145 1.72 19.99 45.11
N PHE D 146 0.59 20.44 44.61
CA PHE D 146 -0.61 19.63 44.50
C PHE D 146 -1.61 20.32 43.58
N PRO D 147 -2.26 19.60 42.66
CA PRO D 147 -2.14 18.17 42.33
C PRO D 147 -1.31 17.94 41.09
N GLU D 148 -1.23 16.69 40.64
CA GLU D 148 -0.65 16.39 39.35
C GLU D 148 -1.48 17.05 38.25
N PRO D 149 -0.86 17.50 37.16
CA PRO D 149 0.55 17.39 36.78
C PRO D 149 1.33 18.70 36.86
N VAL D 150 2.62 18.61 36.54
CA VAL D 150 3.49 19.76 36.43
C VAL D 150 4.38 19.55 35.20
N THR D 151 4.52 20.57 34.39
CA THR D 151 5.33 20.51 33.17
C THR D 151 6.65 21.21 33.43
N VAL D 152 7.74 20.45 33.42
CA VAL D 152 9.07 21.00 33.61
C VAL D 152 9.79 21.01 32.27
N THR D 153 10.24 22.18 31.86
CA THR D 153 11.01 22.35 30.64
C THR D 153 12.21 23.24 30.95
N TRP D 154 13.23 23.13 30.13
CA TRP D 154 14.48 23.87 30.34
C TRP D 154 14.63 24.92 29.25
N ASN D 155 14.77 26.18 29.67
CA ASN D 155 14.94 27.31 28.75
C ASN D 155 13.76 27.40 27.78
N SER D 156 12.56 27.18 28.30
CA SER D 156 11.32 27.41 27.55
C SER D 156 11.30 26.62 26.23
N GLY D 157 11.80 25.39 26.28
CA GLY D 157 11.66 24.47 25.17
C GLY D 157 12.86 24.34 24.26
N SER D 158 13.99 24.95 24.61
CA SER D 158 15.17 24.84 23.76
C SER D 158 15.89 23.51 23.99
N LEU D 159 16.12 23.17 25.25
CA LEU D 159 16.87 21.96 25.60
C LEU D 159 15.92 20.77 25.66
N SER D 160 16.13 19.79 24.77
CA SER D 160 15.37 18.55 24.80
C SER D 160 16.22 17.32 24.52
N SER D 161 17.54 17.48 24.37
CA SER D 161 18.45 16.37 24.13
C SER D 161 19.31 16.20 25.38
N GLY D 162 18.96 15.21 26.20
CA GLY D 162 19.65 14.99 27.45
C GLY D 162 18.93 15.62 28.63
N VAL D 163 17.61 15.53 28.63
CA VAL D 163 16.76 16.05 29.70
C VAL D 163 15.97 14.90 30.28
N HIS D 164 16.01 14.76 31.60
CA HIS D 164 15.29 13.71 32.31
C HIS D 164 14.35 14.34 33.32
N THR D 165 13.07 14.02 33.20
CA THR D 165 12.06 14.45 34.16
C THR D 165 11.61 13.21 34.94
N PHE D 166 11.86 13.21 36.24
CA PHE D 166 11.61 12.04 37.06
C PHE D 166 10.19 12.11 37.61
N PRO D 167 9.35 11.10 37.39
CA PRO D 167 7.96 11.17 37.85
C PRO D 167 7.87 11.58 39.32
N ALA D 168 6.74 12.20 39.65
CA ALA D 168 6.50 12.66 41.00
C ALA D 168 6.26 11.48 41.95
N VAL D 169 6.43 11.75 43.23
CA VAL D 169 6.19 10.77 44.30
C VAL D 169 5.35 11.47 45.35
N LEU D 170 4.10 11.03 45.49
CA LEU D 170 3.22 11.62 46.49
C LEU D 170 3.70 11.29 47.90
N GLN D 171 3.74 12.31 48.75
CA GLN D 171 4.13 12.11 50.14
C GLN D 171 3.60 13.28 50.96
N SER D 172 2.95 12.97 52.08
CA SER D 172 2.38 13.99 52.96
C SER D 172 1.37 14.86 52.22
N ASP D 173 0.62 14.28 51.30
CA ASP D 173 -0.43 14.95 50.53
C ASP D 173 0.12 15.96 49.54
N LEU D 174 1.44 16.03 49.36
CA LEU D 174 2.05 16.94 48.40
C LEU D 174 3.03 16.17 47.53
N TYR D 175 3.01 16.47 46.24
CA TYR D 175 3.88 15.81 45.28
C TYR D 175 5.28 16.41 45.30
N THR D 176 6.20 15.74 44.58
CA THR D 176 7.58 16.19 44.48
C THR D 176 8.27 15.46 43.34
N LEU D 177 8.86 16.21 42.41
CA LEU D 177 9.60 15.61 41.30
C LEU D 177 10.86 16.41 41.05
N SER D 178 11.81 15.76 40.38
CA SER D 178 13.09 16.34 40.03
C SER D 178 13.31 16.24 38.52
N SER D 179 14.10 17.17 38.01
CA SER D 179 14.46 17.20 36.59
C SER D 179 15.96 17.45 36.48
N SER D 180 16.56 16.85 35.45
CA SER D 180 18.00 16.95 35.24
C SER D 180 18.27 17.29 33.79
N VAL D 181 19.30 18.11 33.57
CA VAL D 181 19.74 18.51 32.24
C VAL D 181 21.24 18.34 32.16
N THR D 182 21.72 17.74 31.08
CA THR D 182 23.14 17.52 30.86
C THR D 182 23.59 18.38 29.68
N VAL D 183 24.42 19.38 29.95
CA VAL D 183 24.90 20.29 28.91
C VAL D 183 26.41 20.42 29.02
N PRO D 184 27.11 20.73 27.93
CA PRO D 184 28.57 20.80 27.99
C PRO D 184 29.06 21.86 28.97
N SER D 185 30.25 21.64 29.51
CA SER D 185 30.81 22.56 30.49
C SER D 185 31.02 23.96 29.92
N SER D 186 31.08 24.09 28.61
CA SER D 186 31.24 25.40 27.97
C SER D 186 29.93 26.16 27.83
N THR D 187 28.81 25.55 28.21
CA THR D 187 27.50 26.17 28.10
C THR D 187 26.96 26.67 29.44
N TRP D 188 27.72 26.53 30.53
CA TRP D 188 27.26 26.97 31.83
C TRP D 188 28.44 27.22 32.75
N PRO D 189 28.49 28.36 33.46
CA PRO D 189 27.49 29.44 33.51
C PRO D 189 27.61 30.39 32.32
N SER D 190 28.24 29.94 31.23
CA SER D 190 28.40 30.80 30.06
C SER D 190 27.05 31.15 29.44
N GLU D 191 26.17 30.17 29.32
CA GLU D 191 24.85 30.36 28.73
C GLU D 191 23.77 30.18 29.79
N THR D 192 22.73 30.99 29.69
CA THR D 192 21.66 30.96 30.68
C THR D 192 20.89 29.64 30.62
N VAL D 193 20.58 29.12 31.80
CA VAL D 193 19.77 27.90 31.94
C VAL D 193 18.65 28.18 32.91
N THR D 194 17.41 27.89 32.50
CA THR D 194 16.24 28.14 33.33
C THR D 194 15.30 26.96 33.26
N CYS D 195 14.81 26.51 34.42
CA CYS D 195 13.83 25.44 34.51
C CYS D 195 12.46 26.07 34.72
N ASN D 196 11.70 26.25 33.64
CA ASN D 196 10.39 26.87 33.72
C ASN D 196 9.35 25.78 34.00
N VAL D 197 8.71 25.88 35.17
CA VAL D 197 7.67 24.94 35.57
C VAL D 197 6.33 25.65 35.41
N ALA D 198 5.35 24.93 34.87
CA ALA D 198 4.01 25.46 34.65
C ALA D 198 3.01 24.55 35.34
N HIS D 199 2.60 24.94 36.54
CA HIS D 199 1.55 24.22 37.26
C HIS D 199 0.20 24.72 36.78
N PRO D 200 -0.60 23.87 36.12
CA PRO D 200 -1.86 24.36 35.53
C PRO D 200 -2.97 24.55 36.55
N ALA D 201 -3.05 23.65 37.53
CA ALA D 201 -4.13 23.70 38.50
C ALA D 201 -4.04 24.92 39.41
N SER D 202 -2.89 25.59 39.47
CA SER D 202 -2.71 26.77 40.31
C SER D 202 -2.39 28.02 39.52
N SER D 203 -2.32 27.94 38.19
CA SER D 203 -1.99 29.08 37.35
C SER D 203 -0.68 29.71 37.79
N THR D 204 0.36 28.89 37.81
CA THR D 204 1.69 29.28 38.28
C THR D 204 2.72 28.91 37.23
N LYS D 205 3.63 29.83 36.95
CA LYS D 205 4.73 29.60 35.99
C LYS D 205 6.00 30.20 36.59
N VAL D 206 6.75 29.39 37.32
CA VAL D 206 8.00 29.80 37.93
C VAL D 206 9.14 29.49 36.97
N ASP D 207 9.98 30.48 36.70
CA ASP D 207 11.11 30.36 35.79
C ASP D 207 12.37 30.61 36.60
N LYS D 208 12.91 29.55 37.19
CA LYS D 208 14.09 29.63 38.04
C LYS D 208 15.33 29.23 37.26
N LYS D 209 16.41 29.98 37.45
CA LYS D 209 17.66 29.75 36.75
C LYS D 209 18.71 29.27 37.73
N ILE D 210 19.53 28.32 37.29
CA ILE D 210 20.51 27.68 38.15
C ILE D 210 21.71 28.60 38.31
N VAL D 211 22.11 28.85 39.55
CA VAL D 211 23.24 29.71 39.88
C VAL D 211 24.30 28.82 40.55
N PRO D 212 25.54 28.83 40.07
CA PRO D 212 26.58 28.02 40.73
C PRO D 212 26.83 28.51 42.15
N ARG D 213 27.19 27.57 43.02
CA ARG D 213 27.48 27.89 44.41
C ARG D 213 28.83 28.62 44.52
N ASP E 1 -5.95 5.86 -37.42
CA ASP E 1 -4.71 5.46 -36.70
C ASP E 1 -4.27 6.57 -35.75
N ILE E 2 -3.36 6.25 -34.84
CA ILE E 2 -2.86 7.20 -33.86
C ILE E 2 -1.34 7.22 -33.93
N VAL E 3 -0.77 8.38 -33.66
CA VAL E 3 0.68 8.57 -33.69
C VAL E 3 1.06 9.35 -32.43
N MET E 4 1.64 8.65 -31.46
CA MET E 4 2.13 9.29 -30.24
C MET E 4 3.47 9.95 -30.52
N THR E 5 3.54 11.26 -30.28
CA THR E 5 4.72 12.07 -30.55
C THR E 5 5.31 12.51 -29.22
N GLN E 6 6.44 11.91 -28.85
CA GLN E 6 7.09 12.26 -27.60
C GLN E 6 7.91 13.53 -27.74
N SER E 7 8.24 14.14 -26.60
CA SER E 7 9.04 15.35 -26.58
C SER E 7 9.63 15.53 -25.20
N PRO E 8 10.91 15.89 -25.08
CA PRO E 8 11.91 16.06 -26.15
C PRO E 8 12.53 14.72 -26.53
N ALA E 9 13.17 14.64 -27.71
CA ALA E 9 13.80 13.39 -28.11
C ALA E 9 14.91 12.96 -27.16
N SER E 10 15.45 13.90 -26.38
CA SER E 10 16.47 13.58 -25.38
C SER E 10 16.37 14.59 -24.25
N LEU E 11 16.74 14.14 -23.06
CA LEU E 11 16.63 14.97 -21.86
C LEU E 11 17.88 14.80 -21.01
N ALA E 12 18.16 15.82 -20.21
CA ALA E 12 19.35 15.81 -19.35
C ALA E 12 19.04 16.62 -18.10
N VAL E 13 18.98 15.94 -16.96
CA VAL E 13 18.64 16.57 -15.69
C VAL E 13 19.55 15.99 -14.60
N SER E 14 19.94 16.84 -13.65
CA SER E 14 20.77 16.41 -12.54
C SER E 14 19.93 15.71 -11.48
N LEU E 15 20.62 15.08 -10.53
CA LEU E 15 19.93 14.33 -9.49
C LEU E 15 19.12 15.25 -8.59
N GLY E 16 18.05 14.72 -8.03
CA GLY E 16 17.20 15.46 -7.12
C GLY E 16 16.25 16.43 -7.78
N GLN E 17 16.33 16.61 -9.10
CA GLN E 17 15.48 17.55 -9.81
C GLN E 17 14.23 16.83 -10.30
N ARG E 18 13.47 17.47 -11.17
CA ARG E 18 12.27 16.90 -11.76
C ARG E 18 12.44 16.80 -13.27
N ALA E 19 12.09 15.65 -13.82
CA ALA E 19 12.15 15.39 -15.25
C ALA E 19 10.74 15.22 -15.78
N THR E 20 10.41 15.94 -16.84
CA THR E 20 9.09 15.90 -17.45
C THR E 20 9.21 15.39 -18.87
N ILE E 21 8.44 14.35 -19.19
CA ILE E 21 8.40 13.77 -20.53
C ILE E 21 7.01 13.95 -21.09
N SER E 22 6.92 14.54 -22.27
CA SER E 22 5.66 14.83 -22.94
C SER E 22 5.38 13.77 -24.00
N CYS E 23 4.09 13.64 -24.33
CA CYS E 23 3.67 12.69 -25.36
C CYS E 23 2.33 13.17 -25.89
N LYS E 24 2.32 13.67 -27.13
CA LYS E 24 1.13 14.21 -27.76
C LYS E 24 0.53 13.17 -28.70
N ALA E 25 -0.77 12.99 -28.61
CA ALA E 25 -1.49 12.09 -29.52
C ALA E 25 -1.98 12.87 -30.72
N SER E 26 -1.93 12.22 -31.89
CA SER E 26 -2.48 12.84 -33.09
C SER E 26 -3.96 13.12 -32.91
N GLN E 27 -4.68 12.21 -32.26
CA GLN E 27 -6.09 12.37 -31.96
C GLN E 27 -6.35 11.97 -30.51
N SER E 28 -7.43 12.49 -29.97
CA SER E 28 -7.80 12.16 -28.59
C SER E 28 -7.99 10.66 -28.43
N ILE E 29 -7.43 10.12 -27.35
CA ILE E 29 -7.54 8.70 -27.05
C ILE E 29 -8.52 8.45 -25.91
N ASP E 30 -9.45 9.38 -25.69
CA ASP E 30 -10.47 9.19 -24.67
C ASP E 30 -11.40 8.05 -25.05
N TYR E 31 -11.77 7.26 -24.05
CA TYR E 31 -12.83 6.27 -24.19
C TYR E 31 -13.65 6.28 -22.91
N ASP E 32 -14.94 6.57 -23.03
CA ASP E 32 -15.83 6.65 -21.87
C ASP E 32 -15.34 7.69 -20.87
N GLY E 33 -14.60 8.68 -21.35
CA GLY E 33 -14.07 9.72 -20.49
C GLY E 33 -12.75 9.39 -19.83
N ASP E 34 -12.05 8.37 -20.31
CA ASP E 34 -10.77 7.97 -19.72
C ASP E 34 -9.77 7.72 -20.84
N ASN E 35 -8.50 8.04 -20.56
CA ASN E 35 -7.40 7.84 -21.49
C ASN E 35 -6.54 6.69 -21.00
N TYR E 36 -6.29 5.75 -21.90
CA TYR E 36 -5.50 4.56 -21.59
C TYR E 36 -4.11 4.78 -22.18
N MET E 37 -3.17 5.21 -21.34
CA MET E 37 -1.85 5.63 -21.79
C MET E 37 -0.82 5.03 -20.84
N ASN E 38 -0.12 4.00 -21.31
CA ASN E 38 0.94 3.41 -20.52
C ASN E 38 2.24 4.19 -20.69
N TRP E 39 3.12 4.06 -19.70
CA TRP E 39 4.47 4.61 -19.75
C TRP E 39 5.44 3.50 -19.39
N TYR E 40 6.43 3.29 -20.25
CA TYR E 40 7.40 2.23 -20.08
C TYR E 40 8.78 2.82 -19.85
N GLN E 41 9.65 2.01 -19.26
CA GLN E 41 11.05 2.33 -19.08
C GLN E 41 11.88 1.15 -19.58
N GLN E 42 12.89 1.43 -20.38
CA GLN E 42 13.73 0.39 -20.97
C GLN E 42 15.20 0.76 -20.80
N LYS E 43 15.85 0.19 -19.80
CA LYS E 43 17.30 0.28 -19.72
C LYS E 43 17.94 -0.55 -20.82
N PRO E 44 19.14 -0.19 -21.27
CA PRO E 44 19.72 -0.87 -22.42
C PRO E 44 19.86 -2.37 -22.19
N GLY E 45 19.58 -3.14 -23.24
CA GLY E 45 19.69 -4.57 -23.16
C GLY E 45 18.66 -5.23 -22.27
N GLN E 46 17.53 -4.58 -22.05
CA GLN E 46 16.52 -5.05 -21.10
C GLN E 46 15.14 -4.82 -21.71
N PRO E 47 14.15 -5.65 -21.36
CA PRO E 47 12.80 -5.44 -21.86
C PRO E 47 12.15 -4.23 -21.21
N PRO E 48 11.15 -3.63 -21.84
CA PRO E 48 10.48 -2.48 -21.24
C PRO E 48 9.83 -2.82 -19.91
N LYS E 49 9.83 -1.84 -19.02
CA LYS E 49 9.24 -1.96 -17.68
C LYS E 49 8.08 -1.00 -17.57
N LEU E 50 6.90 -1.52 -17.26
CA LEU E 50 5.72 -0.68 -17.16
C LEU E 50 5.73 0.12 -15.88
N LEU E 51 5.61 1.45 -16.01
CA LEU E 51 5.54 2.34 -14.87
C LEU E 51 4.10 2.79 -14.58
N ILE E 52 3.44 3.38 -15.57
CA ILE E 52 2.08 3.89 -15.44
C ILE E 52 1.18 3.17 -16.43
N TYR E 53 -0.08 3.03 -16.06
CA TYR E 53 -1.14 2.63 -16.98
C TYR E 53 -2.37 3.46 -16.70
N THR E 54 -3.29 3.49 -17.68
CA THR E 54 -4.49 4.32 -17.59
C THR E 54 -4.13 5.77 -17.28
N THR E 55 -2.94 6.17 -17.72
CA THR E 55 -2.43 7.54 -17.75
C THR E 55 -2.19 8.14 -16.36
N SER E 56 -2.59 7.46 -15.29
CA SER E 56 -2.27 7.96 -13.96
C SER E 56 -2.01 6.86 -12.93
N ASN E 57 -2.04 5.59 -13.29
CA ASN E 57 -2.03 4.51 -12.32
C ASN E 57 -0.63 3.93 -12.21
N LEU E 58 0.00 4.12 -11.05
CA LEU E 58 1.34 3.61 -10.83
C LEU E 58 1.31 2.08 -10.76
N GLU E 59 2.20 1.44 -11.50
CA GLU E 59 2.29 -0.01 -11.46
C GLU E 59 2.77 -0.48 -10.09
N SER E 60 2.31 -1.66 -9.69
CA SER E 60 2.66 -2.20 -8.38
C SER E 60 4.14 -2.52 -8.32
N GLY E 61 4.82 -1.97 -7.31
CA GLY E 61 6.24 -2.17 -7.14
C GLY E 61 7.11 -1.08 -7.72
N ILE E 62 6.52 -0.08 -8.37
CA ILE E 62 7.29 1.01 -8.96
C ILE E 62 7.43 2.11 -7.90
N PRO E 63 8.61 2.71 -7.73
CA PRO E 63 8.74 3.78 -6.76
C PRO E 63 7.76 4.91 -7.04
N ALA E 64 7.21 5.48 -5.97
CA ALA E 64 6.19 6.51 -6.11
C ALA E 64 6.82 7.86 -6.40
N ARG E 65 7.70 7.91 -7.39
CA ARG E 65 8.27 9.14 -7.90
C ARG E 65 8.00 9.32 -9.38
N PHE E 66 7.35 8.36 -10.02
CA PHE E 66 6.84 8.51 -11.38
C PHE E 66 5.36 8.86 -11.29
N SER E 67 4.96 9.92 -11.99
CA SER E 67 3.58 10.38 -11.97
C SER E 67 3.11 10.59 -13.40
N GLY E 68 1.95 10.01 -13.73
CA GLY E 68 1.33 10.18 -15.03
C GLY E 68 0.23 11.23 -14.94
N SER E 69 0.17 12.09 -15.96
CA SER E 69 -0.76 13.21 -15.97
C SER E 69 -1.29 13.38 -17.39
N GLY E 70 -1.93 14.52 -17.62
CA GLY E 70 -2.41 14.87 -18.94
C GLY E 70 -3.74 14.24 -19.27
N SER E 71 -4.33 14.75 -20.34
CA SER E 71 -5.59 14.23 -20.86
C SER E 71 -5.81 14.83 -22.24
N GLY E 72 -6.78 14.29 -22.96
CA GLY E 72 -7.04 14.71 -24.32
C GLY E 72 -5.98 14.15 -25.27
N THR E 73 -5.17 15.05 -25.83
CA THR E 73 -4.07 14.65 -26.69
C THR E 73 -2.71 14.78 -26.01
N ASP E 74 -2.55 15.75 -25.12
CA ASP E 74 -1.28 15.99 -24.45
C ASP E 74 -1.22 15.18 -23.17
N PHE E 75 -0.20 14.33 -23.06
CA PHE E 75 0.06 13.54 -21.86
C PHE E 75 1.46 13.89 -21.35
N THR E 76 1.76 13.44 -20.14
CA THR E 76 3.00 13.85 -19.49
C THR E 76 3.40 12.84 -18.44
N LEU E 77 4.70 12.55 -18.38
CA LEU E 77 5.30 11.72 -17.34
C LEU E 77 6.30 12.57 -16.59
N ASN E 78 6.23 12.54 -15.26
CA ASN E 78 7.08 13.34 -14.41
C ASN E 78 7.87 12.43 -13.47
N ILE E 79 9.16 12.69 -13.37
CA ILE E 79 10.06 11.93 -12.51
C ILE E 79 10.65 12.90 -11.51
N HIS E 80 10.42 12.66 -10.23
CA HIS E 80 10.95 13.54 -9.21
C HIS E 80 10.94 12.83 -7.86
N PRO E 81 12.09 12.70 -7.18
CA PRO E 81 13.43 13.18 -7.55
C PRO E 81 14.15 12.27 -8.55
N VAL E 82 14.65 12.83 -9.66
CA VAL E 82 15.48 12.04 -10.56
C VAL E 82 16.66 11.47 -9.80
N GLU E 83 16.83 10.16 -9.90
CA GLU E 83 17.79 9.42 -9.09
C GLU E 83 18.91 8.88 -9.97
N GLU E 84 19.81 8.12 -9.33
CA GLU E 84 21.00 7.63 -10.01
C GLU E 84 20.66 6.59 -11.07
N GLY E 85 19.61 5.81 -10.85
CA GLY E 85 19.26 4.72 -11.76
C GLY E 85 18.05 5.00 -12.61
N ASP E 86 17.93 6.23 -13.12
CA ASP E 86 16.84 6.62 -14.00
C ASP E 86 17.32 6.88 -15.43
N ALA E 87 18.59 6.65 -15.71
CA ALA E 87 19.10 6.81 -17.08
C ALA E 87 18.56 5.67 -17.93
N ALA E 88 17.60 5.99 -18.80
CA ALA E 88 16.91 4.98 -19.58
C ALA E 88 16.10 5.68 -20.66
N THR E 89 15.30 4.89 -21.37
CA THR E 89 14.42 5.40 -22.41
C THR E 89 12.97 5.16 -21.99
N TYR E 90 12.14 6.17 -22.17
CA TYR E 90 10.78 6.18 -21.67
C TYR E 90 9.81 6.27 -22.85
N TYR E 91 8.86 5.35 -22.91
CA TYR E 91 7.94 5.20 -24.02
C TYR E 91 6.52 5.42 -23.56
N CYS E 92 5.70 6.03 -24.41
CA CYS E 92 4.27 6.18 -24.18
C CYS E 92 3.51 5.30 -25.15
N GLN E 93 2.57 4.52 -24.62
CA GLN E 93 1.75 3.62 -25.43
C GLN E 93 0.28 3.81 -25.09
N GLN E 94 -0.57 3.77 -26.12
CA GLN E 94 -2.01 3.90 -25.97
C GLN E 94 -2.65 2.54 -26.12
N ASN E 95 -3.23 2.02 -25.05
CA ASN E 95 -3.98 0.76 -25.09
C ASN E 95 -5.47 1.03 -25.28
N ASN E 96 -5.77 1.75 -26.36
CA ASN E 96 -7.13 2.20 -26.64
C ASN E 96 -7.67 1.68 -27.97
N GLU E 97 -6.94 1.87 -29.06
CA GLU E 97 -7.42 1.54 -30.40
C GLU E 97 -6.40 0.70 -31.12
N ASP E 98 -6.86 -0.36 -31.76
CA ASP E 98 -5.98 -1.18 -32.59
C ASP E 98 -5.55 -0.39 -33.82
N PRO E 99 -4.25 -0.33 -34.14
CA PRO E 99 -3.12 -0.91 -33.41
C PRO E 99 -2.69 -0.07 -32.22
N TYR E 100 -2.19 -0.71 -31.18
CA TYR E 100 -1.63 0.02 -30.04
C TYR E 100 -0.24 0.52 -30.40
N THR E 101 -0.06 1.84 -30.41
CA THR E 101 1.15 2.47 -30.89
C THR E 101 2.00 2.95 -29.72
N PHE E 102 3.31 2.97 -29.95
CA PHE E 102 4.28 3.52 -29.01
C PHE E 102 4.75 4.89 -29.46
N GLY E 103 5.29 5.64 -28.51
CA GLY E 103 6.00 6.85 -28.84
C GLY E 103 7.43 6.58 -29.27
N GLY E 104 8.03 7.59 -29.89
CA GLY E 104 9.40 7.44 -30.37
C GLY E 104 10.41 7.19 -29.27
N GLY E 105 10.05 7.48 -28.02
CA GLY E 105 10.96 7.29 -26.92
C GLY E 105 11.90 8.46 -26.70
N THR E 106 12.04 8.88 -25.45
CA THR E 106 12.96 9.94 -25.08
C THR E 106 14.00 9.39 -24.12
N LYS E 107 15.26 9.70 -24.38
CA LYS E 107 16.36 9.19 -23.57
C LYS E 107 16.64 10.16 -22.43
N LEU E 108 16.50 9.68 -21.19
CA LEU E 108 16.74 10.49 -20.01
C LEU E 108 18.21 10.37 -19.60
N GLU E 109 18.91 11.50 -19.66
CA GLU E 109 20.31 11.56 -19.27
C GLU E 109 20.43 12.20 -17.89
N ILE E 110 21.36 11.70 -17.09
CA ILE E 110 21.60 12.21 -15.75
C ILE E 110 22.83 13.11 -15.79
N LYS E 111 22.68 14.32 -15.27
CA LYS E 111 23.79 15.27 -15.23
C LYS E 111 24.66 15.01 -14.01
N ARG E 112 25.97 15.11 -14.20
CA ARG E 112 26.93 14.80 -13.14
C ARG E 112 28.16 15.67 -13.32
N ALA E 113 28.92 15.80 -12.24
CA ALA E 113 30.17 16.56 -12.30
C ALA E 113 31.09 15.99 -13.36
N ASP E 114 31.67 16.87 -14.17
CA ASP E 114 32.54 16.44 -15.24
C ASP E 114 33.77 15.72 -14.67
N ALA E 115 34.16 14.64 -15.35
CA ALA E 115 35.30 13.83 -14.93
C ALA E 115 36.27 13.67 -16.11
N ALA E 116 37.40 13.03 -15.83
CA ALA E 116 38.45 12.87 -16.81
C ALA E 116 38.48 11.43 -17.33
N PRO E 117 38.67 11.23 -18.63
CA PRO E 117 38.75 9.86 -19.17
C PRO E 117 40.09 9.22 -18.85
N THR E 118 40.04 8.06 -18.21
CA THR E 118 41.24 7.30 -17.92
C THR E 118 41.77 6.67 -19.21
N VAL E 119 42.34 7.50 -20.09
CA VAL E 119 42.75 7.03 -21.39
C VAL E 119 43.82 5.95 -21.24
N SER E 120 43.69 4.89 -22.04
CA SER E 120 44.64 3.78 -22.00
C SER E 120 44.75 3.21 -23.40
N ILE E 121 45.97 3.16 -23.93
CA ILE E 121 46.23 2.63 -25.27
C ILE E 121 46.83 1.24 -25.13
N PHE E 122 46.34 0.31 -25.94
CA PHE E 122 46.78 -1.07 -25.90
C PHE E 122 47.46 -1.45 -27.20
N PRO E 123 48.58 -2.17 -27.15
CA PRO E 123 49.23 -2.61 -28.38
C PRO E 123 48.51 -3.79 -28.99
N PRO E 124 48.49 -3.92 -30.31
CA PRO E 124 47.86 -5.10 -30.92
C PRO E 124 48.57 -6.37 -30.50
N SER E 125 47.77 -7.41 -30.24
CA SER E 125 48.32 -8.66 -29.77
C SER E 125 49.15 -9.33 -30.85
N SER E 126 50.25 -9.97 -30.44
CA SER E 126 50.97 -10.84 -31.36
C SER E 126 50.08 -11.96 -31.85
N GLU E 127 49.08 -12.35 -31.04
CA GLU E 127 48.09 -13.32 -31.48
C GLU E 127 47.36 -12.82 -32.73
N GLN E 128 46.90 -11.57 -32.70
CA GLN E 128 46.23 -11.00 -33.87
C GLN E 128 47.19 -10.90 -35.05
N LEU E 129 48.42 -10.44 -34.81
CA LEU E 129 49.38 -10.31 -35.90
C LEU E 129 49.79 -11.65 -36.48
N THR E 130 49.54 -12.75 -35.76
CA THR E 130 49.76 -14.07 -36.34
C THR E 130 48.86 -14.28 -37.55
N SER E 131 47.72 -13.61 -37.59
CA SER E 131 46.79 -13.70 -38.70
C SER E 131 46.99 -12.59 -39.73
N GLY E 132 47.99 -11.72 -39.52
CA GLY E 132 48.29 -10.66 -40.46
C GLY E 132 47.68 -9.32 -40.12
N GLY E 133 46.72 -9.26 -39.20
CA GLY E 133 46.08 -8.02 -38.82
C GLY E 133 46.62 -7.45 -37.52
N ALA E 134 46.34 -6.17 -37.30
CA ALA E 134 46.74 -5.51 -36.06
C ALA E 134 45.86 -4.29 -35.87
N SER E 135 45.09 -4.27 -34.77
CA SER E 135 44.19 -3.17 -34.47
C SER E 135 44.60 -2.57 -33.12
N VAL E 136 44.88 -1.28 -33.11
CA VAL E 136 45.19 -0.55 -31.88
C VAL E 136 43.88 -0.08 -31.28
N VAL E 137 43.65 -0.42 -30.01
CA VAL E 137 42.43 -0.06 -29.30
C VAL E 137 42.80 0.86 -28.15
N CYS E 138 42.00 1.91 -27.96
CA CYS E 138 42.23 2.92 -26.94
C CYS E 138 40.93 3.11 -26.17
N PHE E 139 40.98 2.87 -24.87
CA PHE E 139 39.78 2.90 -24.03
C PHE E 139 39.74 4.22 -23.27
N LEU E 140 38.63 4.94 -23.39
CA LEU E 140 38.40 6.21 -22.71
C LEU E 140 37.25 5.98 -21.74
N ASN E 141 37.59 5.60 -20.50
CA ASN E 141 36.63 5.14 -19.53
C ASN E 141 36.28 6.24 -18.52
N ASN E 142 35.00 6.24 -18.11
CA ASN E 142 34.53 7.01 -16.97
C ASN E 142 34.84 8.51 -17.14
N PHE E 143 34.20 9.09 -18.15
CA PHE E 143 34.24 10.53 -18.38
C PHE E 143 32.82 11.08 -18.45
N TYR E 144 32.71 12.40 -18.51
CA TYR E 144 31.44 13.08 -18.66
C TYR E 144 31.72 14.55 -19.00
N PRO E 145 30.94 15.18 -19.91
CA PRO E 145 29.78 14.66 -20.63
C PRO E 145 30.12 13.74 -21.80
N LYS E 146 29.09 13.35 -22.55
CA LYS E 146 29.25 12.37 -23.61
C LYS E 146 30.21 12.86 -24.69
N ASP E 147 30.08 14.11 -25.11
CA ASP E 147 30.83 14.62 -26.25
C ASP E 147 32.32 14.55 -25.98
N ILE E 148 33.02 13.75 -26.78
CA ILE E 148 34.48 13.63 -26.70
C ILE E 148 35.00 13.12 -28.04
N ASN E 149 36.05 13.74 -28.54
CA ASN E 149 36.65 13.38 -29.82
C ASN E 149 38.06 12.86 -29.60
N VAL E 150 38.39 11.77 -30.29
CA VAL E 150 39.68 11.11 -30.15
C VAL E 150 40.49 11.36 -31.41
N LYS E 151 41.74 11.73 -31.25
CA LYS E 151 42.63 12.08 -32.36
C LYS E 151 43.75 11.04 -32.43
N TRP E 152 43.65 10.16 -33.42
CA TRP E 152 44.69 9.18 -33.70
C TRP E 152 45.71 9.78 -34.65
N LYS E 153 46.99 9.68 -34.29
CA LYS E 153 48.06 10.09 -35.20
C LYS E 153 49.26 9.21 -34.98
N ILE E 154 49.94 8.86 -36.07
CA ILE E 154 51.14 8.03 -36.05
C ILE E 154 52.27 8.81 -36.70
N ASP E 155 53.41 8.87 -36.02
CA ASP E 155 54.56 9.64 -36.49
C ASP E 155 54.24 11.12 -36.65
N GLY E 156 53.23 11.60 -35.91
CA GLY E 156 52.82 12.99 -35.99
C GLY E 156 51.75 13.29 -37.02
N SER E 157 51.38 12.32 -37.86
CA SER E 157 50.37 12.52 -38.87
C SER E 157 49.05 11.93 -38.39
N GLU E 158 48.01 12.77 -38.39
CA GLU E 158 46.70 12.33 -37.91
C GLU E 158 46.14 11.24 -38.83
N ARG E 159 45.44 10.27 -38.23
CA ARG E 159 44.86 9.15 -38.94
C ARG E 159 43.35 9.17 -38.75
N GLN E 160 42.61 9.09 -39.86
CA GLN E 160 41.16 9.05 -39.83
C GLN E 160 40.61 7.92 -40.70
N ASN E 161 41.43 6.92 -41.01
CA ASN E 161 41.01 5.76 -41.80
C ASN E 161 40.94 4.55 -40.87
N GLY E 162 39.78 3.91 -40.83
CA GLY E 162 39.60 2.75 -39.99
C GLY E 162 39.52 3.05 -38.50
N VAL E 163 39.08 4.26 -38.15
CA VAL E 163 38.91 4.65 -36.75
C VAL E 163 37.45 4.40 -36.41
N LEU E 164 37.18 3.30 -35.71
CA LEU E 164 35.83 2.90 -35.34
C LEU E 164 35.64 3.11 -33.85
N ASN E 165 34.66 3.93 -33.48
CA ASN E 165 34.39 4.27 -32.10
C ASN E 165 33.11 3.57 -31.63
N SER E 166 33.09 3.23 -30.34
CA SER E 166 31.96 2.52 -29.75
C SER E 166 31.72 3.08 -28.35
N TRP E 167 30.80 4.03 -28.24
CA TRP E 167 30.40 4.55 -26.94
C TRP E 167 29.53 3.52 -26.21
N THR E 168 29.49 3.67 -24.89
CA THR E 168 28.56 2.93 -24.06
C THR E 168 27.36 3.79 -23.72
N ASP E 169 26.34 3.17 -23.13
CA ASP E 169 25.24 3.89 -22.55
C ASP E 169 25.65 4.43 -21.17
N GLN E 170 24.99 5.51 -20.76
CA GLN E 170 25.31 6.11 -19.47
C GLN E 170 25.15 5.09 -18.36
N ASP E 171 26.21 4.92 -17.57
CA ASP E 171 26.18 3.93 -16.51
C ASP E 171 25.16 4.31 -15.45
N SER E 172 24.62 3.29 -14.79
CA SER E 172 23.72 3.50 -13.66
C SER E 172 24.43 3.44 -12.32
N LYS E 173 25.57 2.77 -12.24
CA LYS E 173 26.35 2.73 -11.02
C LYS E 173 27.14 4.01 -10.80
N ASP E 174 27.53 4.69 -11.88
CA ASP E 174 28.36 5.88 -11.79
C ASP E 174 27.85 7.08 -12.59
N SER E 175 26.92 6.88 -13.53
CA SER E 175 26.39 7.97 -14.34
C SER E 175 27.50 8.66 -15.13
N THR E 176 28.34 7.84 -15.78
CA THR E 176 29.43 8.33 -16.60
C THR E 176 29.42 7.61 -17.94
N TYR E 177 29.94 8.28 -18.96
CA TYR E 177 30.01 7.76 -20.31
C TYR E 177 31.42 7.25 -20.59
N SER E 178 31.52 6.02 -21.05
CA SER E 178 32.77 5.43 -21.48
C SER E 178 32.79 5.29 -23.00
N MET E 179 34.00 5.24 -23.57
CA MET E 179 34.17 5.23 -25.00
C MET E 179 35.34 4.33 -25.36
N SER E 180 35.29 3.79 -26.58
CA SER E 180 36.34 2.95 -27.13
C SER E 180 36.67 3.40 -28.54
N SER E 181 37.95 3.29 -28.89
CA SER E 181 38.42 3.63 -30.23
C SER E 181 39.26 2.48 -30.76
N THR E 182 39.11 2.18 -32.04
CA THR E 182 39.80 1.06 -32.67
C THR E 182 40.34 1.52 -34.02
N LEU E 183 41.66 1.48 -34.16
CA LEU E 183 42.34 1.86 -35.40
C LEU E 183 42.91 0.59 -36.03
N THR E 184 42.11 -0.04 -36.89
CA THR E 184 42.51 -1.29 -37.51
C THR E 184 43.54 -1.06 -38.61
N LEU E 185 44.47 -2.00 -38.73
CA LEU E 185 45.47 -1.98 -39.78
C LEU E 185 45.98 -3.39 -39.99
N THR E 186 46.55 -3.62 -41.16
CA THR E 186 47.25 -4.87 -41.42
C THR E 186 48.73 -4.73 -41.07
N LYS E 187 49.46 -5.84 -41.19
CA LYS E 187 50.80 -5.91 -40.61
C LYS E 187 51.75 -4.90 -41.25
N ASP E 188 51.67 -4.71 -42.57
CA ASP E 188 52.68 -3.90 -43.26
C ASP E 188 52.65 -2.46 -42.76
N GLU E 189 51.47 -1.85 -42.68
CA GLU E 189 51.39 -0.47 -42.19
C GLU E 189 51.74 -0.40 -40.71
N TYR E 190 51.33 -1.40 -39.92
CA TYR E 190 51.62 -1.37 -38.50
C TYR E 190 53.11 -1.39 -38.23
N GLU E 191 53.85 -2.23 -38.97
CA GLU E 191 55.30 -2.27 -38.83
C GLU E 191 55.99 -1.15 -39.59
N ARG E 192 55.29 -0.46 -40.49
CA ARG E 192 55.82 0.72 -41.14
C ARG E 192 56.02 1.88 -40.18
N HIS E 193 55.47 1.79 -38.97
CA HIS E 193 55.60 2.83 -37.96
C HIS E 193 55.77 2.18 -36.60
N ASN E 194 56.27 2.96 -35.65
CA ASN E 194 56.50 2.48 -34.30
C ASN E 194 55.70 3.24 -33.25
N SER E 195 55.64 4.56 -33.33
CA SER E 195 54.97 5.38 -32.33
C SER E 195 53.51 5.58 -32.69
N TYR E 196 52.63 5.28 -31.74
CA TYR E 196 51.19 5.45 -31.89
C TYR E 196 50.66 6.28 -30.73
N THR E 197 49.79 7.23 -31.04
CA THR E 197 49.27 8.17 -30.05
C THR E 197 47.76 8.18 -30.08
N CYS E 198 47.13 8.07 -28.90
CA CYS E 198 45.70 8.24 -28.73
C CYS E 198 45.48 9.36 -27.73
N GLU E 199 44.98 10.49 -28.20
CA GLU E 199 44.69 11.63 -27.35
C GLU E 199 43.23 12.02 -27.48
N ALA E 200 42.62 12.37 -26.35
CA ALA E 200 41.21 12.73 -26.28
C ALA E 200 41.07 14.19 -25.92
N THR E 201 40.31 14.93 -26.73
CA THR E 201 39.94 16.30 -26.42
C THR E 201 38.57 16.29 -25.76
N HIS E 202 38.49 16.80 -24.54
CA HIS E 202 37.27 16.77 -23.75
C HIS E 202 37.17 18.08 -22.97
N LYS E 203 35.93 18.54 -22.79
CA LYS E 203 35.71 19.81 -22.10
C LYS E 203 35.73 19.62 -20.59
N THR E 204 36.78 18.96 -20.10
CA THR E 204 37.10 18.91 -18.68
C THR E 204 38.52 19.33 -18.40
N SER E 205 39.34 19.58 -19.42
CA SER E 205 40.70 20.03 -19.25
C SER E 205 41.06 20.94 -20.43
N THR E 206 42.07 21.78 -20.23
CA THR E 206 42.42 22.77 -21.24
C THR E 206 42.90 22.11 -22.53
N SER E 207 43.77 21.11 -22.41
CA SER E 207 44.41 20.48 -23.54
C SER E 207 44.06 19.00 -23.62
N PRO E 208 44.17 18.39 -24.80
CA PRO E 208 43.83 16.96 -24.91
C PRO E 208 44.73 16.10 -24.04
N ILE E 209 44.17 15.02 -23.51
CA ILE E 209 44.89 14.05 -22.71
C ILE E 209 45.50 13.03 -23.66
N VAL E 210 46.83 12.96 -23.69
CA VAL E 210 47.55 12.15 -24.67
C VAL E 210 48.06 10.88 -23.99
N LYS E 211 47.79 9.74 -24.61
CA LYS E 211 48.40 8.47 -24.25
C LYS E 211 49.01 7.86 -25.51
N SER E 212 50.21 7.30 -25.38
CA SER E 212 50.94 6.82 -26.53
C SER E 212 51.84 5.67 -26.13
N PHE E 213 52.24 4.88 -27.13
CA PHE E 213 53.18 3.78 -26.94
C PHE E 213 53.92 3.56 -28.24
N ASN E 214 55.12 2.99 -28.12
CA ASN E 214 55.93 2.63 -29.28
C ASN E 214 56.50 1.23 -29.08
N ARG E 215 57.04 0.67 -30.15
CA ARG E 215 57.44 -0.73 -30.19
C ARG E 215 58.87 -0.96 -29.73
N ASN E 216 59.59 0.09 -29.32
CA ASN E 216 60.99 -0.07 -28.93
C ASN E 216 61.17 -0.51 -27.49
N GLU E 217 60.08 -0.67 -26.74
CA GLU E 217 60.14 -1.14 -25.35
C GLU E 217 59.14 -2.23 -25.05
N CYS E 218 58.30 -2.62 -26.01
CA CYS E 218 57.30 -3.66 -25.79
C CYS E 218 57.35 -4.68 -26.92
N GLU F 1 7.03 -14.68 -9.38
CA GLU F 1 5.91 -14.18 -10.25
C GLU F 1 5.93 -14.89 -11.60
N VAL F 2 5.22 -14.32 -12.57
CA VAL F 2 5.16 -14.90 -13.91
C VAL F 2 6.54 -14.84 -14.56
N GLN F 3 6.79 -15.80 -15.44
CA GLN F 3 8.02 -15.85 -16.22
C GLN F 3 7.69 -16.10 -17.68
N LEU F 4 8.53 -15.58 -18.56
CA LEU F 4 8.35 -15.70 -20.01
C LEU F 4 9.73 -15.90 -20.61
N GLN F 5 10.05 -17.14 -20.97
CA GLN F 5 11.34 -17.52 -21.51
C GLN F 5 11.19 -17.76 -23.00
N GLN F 6 11.95 -17.03 -23.81
CA GLN F 6 11.87 -17.13 -25.25
C GLN F 6 13.00 -18.00 -25.81
N SER F 7 12.89 -18.30 -27.09
CA SER F 7 13.97 -18.95 -27.82
C SER F 7 15.08 -17.96 -28.09
N GLY F 8 16.32 -18.44 -28.06
CA GLY F 8 17.47 -17.59 -28.22
C GLY F 8 17.56 -16.95 -29.58
N PRO F 9 18.65 -16.24 -29.84
CA PRO F 9 18.82 -15.59 -31.14
C PRO F 9 18.84 -16.59 -32.27
N GLU F 10 18.38 -16.14 -33.44
CA GLU F 10 18.27 -17.01 -34.61
C GLU F 10 18.64 -16.23 -35.86
N LEU F 11 19.66 -16.71 -36.57
CA LEU F 11 20.02 -16.18 -37.87
C LEU F 11 19.20 -16.89 -38.94
N VAL F 12 18.47 -16.12 -39.74
CA VAL F 12 17.53 -16.66 -40.71
C VAL F 12 17.81 -16.04 -42.06
N LYS F 13 17.89 -16.88 -43.09
CA LYS F 13 18.12 -16.39 -44.43
C LYS F 13 16.90 -15.62 -44.94
N PRO F 14 17.08 -14.71 -45.88
CA PRO F 14 15.94 -13.93 -46.38
C PRO F 14 14.89 -14.84 -46.99
N GLY F 15 13.62 -14.48 -46.78
CA GLY F 15 12.53 -15.24 -47.33
C GLY F 15 12.26 -16.56 -46.67
N ALA F 16 12.89 -16.84 -45.53
CA ALA F 16 12.73 -18.11 -44.81
C ALA F 16 11.99 -17.85 -43.51
N SER F 17 10.95 -18.64 -43.26
CA SER F 17 10.14 -18.48 -42.07
C SER F 17 10.89 -18.98 -40.84
N MET F 18 10.41 -18.56 -39.67
CA MET F 18 10.97 -18.98 -38.39
C MET F 18 9.87 -18.91 -37.35
N LYS F 19 10.11 -19.58 -36.22
CA LYS F 19 9.15 -19.63 -35.12
C LYS F 19 9.84 -19.21 -33.84
N ILE F 20 9.21 -18.29 -33.11
CA ILE F 20 9.73 -17.77 -31.85
C ILE F 20 8.81 -18.23 -30.74
N SER F 21 9.32 -19.06 -29.85
CA SER F 21 8.54 -19.57 -28.74
C SER F 21 8.64 -18.63 -27.55
N CYS F 22 7.65 -18.74 -26.66
CA CYS F 22 7.65 -17.95 -25.41
C CYS F 22 6.99 -18.82 -24.35
N LYS F 23 7.82 -19.55 -23.60
CA LYS F 23 7.33 -20.49 -22.61
C LYS F 23 6.97 -19.75 -21.32
N THR F 24 5.77 -20.01 -20.82
CA THR F 24 5.23 -19.31 -19.66
C THR F 24 5.34 -20.17 -18.41
N SER F 25 5.55 -19.53 -17.28
CA SER F 25 5.68 -20.23 -16.01
C SER F 25 5.17 -19.32 -14.90
N GLY F 26 4.77 -19.95 -13.79
CA GLY F 26 4.26 -19.22 -12.66
C GLY F 26 2.80 -18.84 -12.72
N TYR F 27 2.07 -19.31 -13.72
CA TYR F 27 0.66 -18.99 -13.86
C TYR F 27 0.04 -19.90 -14.91
N SER F 28 -1.27 -20.12 -14.78
CA SER F 28 -1.97 -20.94 -15.74
C SER F 28 -1.92 -20.29 -17.12
N PHE F 29 -1.38 -21.03 -18.10
CA PHE F 29 -1.09 -20.43 -19.39
C PHE F 29 -2.33 -19.84 -20.03
N THR F 30 -3.46 -20.55 -19.91
CA THR F 30 -4.73 -20.06 -20.44
C THR F 30 -5.40 -19.18 -19.40
N GLY F 31 -5.67 -17.93 -19.77
CA GLY F 31 -6.27 -16.98 -18.87
C GLY F 31 -5.74 -15.58 -19.01
N TYR F 32 -4.48 -15.46 -19.44
CA TYR F 32 -3.90 -14.16 -19.77
C TYR F 32 -3.55 -14.16 -21.24
N THR F 33 -3.96 -13.10 -21.94
CA THR F 33 -3.61 -12.94 -23.34
C THR F 33 -2.12 -12.64 -23.49
N MET F 34 -1.56 -13.07 -24.61
CA MET F 34 -0.14 -12.95 -24.88
C MET F 34 0.06 -11.95 -26.01
N ASN F 35 0.68 -10.81 -25.69
CA ASN F 35 1.01 -9.81 -26.69
C ASN F 35 2.39 -10.09 -27.25
N TRP F 36 2.63 -9.60 -28.46
CA TRP F 36 3.92 -9.71 -29.11
C TRP F 36 4.33 -8.35 -29.62
N VAL F 37 5.56 -7.95 -29.31
CA VAL F 37 6.07 -6.62 -29.60
C VAL F 37 7.39 -6.76 -30.32
N LYS F 38 7.71 -5.76 -31.13
CA LYS F 38 8.93 -5.75 -31.93
C LYS F 38 9.65 -4.43 -31.73
N GLN F 39 10.95 -4.50 -31.43
CA GLN F 39 11.80 -3.34 -31.24
C GLN F 39 12.89 -3.34 -32.29
N SER F 40 12.73 -2.50 -33.31
CA SER F 40 13.69 -2.42 -34.41
C SER F 40 14.59 -1.21 -34.24
N HIS F 41 15.84 -1.38 -34.66
CA HIS F 41 16.88 -0.37 -34.52
C HIS F 41 17.21 -0.05 -33.07
N GLY F 42 16.67 -0.83 -32.13
CA GLY F 42 16.91 -0.64 -30.72
C GLY F 42 15.98 0.34 -30.03
N LYS F 43 15.15 1.06 -30.78
CA LYS F 43 14.25 2.05 -30.16
C LYS F 43 12.82 2.03 -30.67
N ASN F 44 12.55 1.55 -31.88
CA ASN F 44 11.19 1.60 -32.44
C ASN F 44 10.41 0.39 -31.99
N LEU F 45 9.68 0.53 -30.89
CA LEU F 45 8.78 -0.51 -30.42
C LEU F 45 7.52 -0.51 -31.27
N GLU F 46 7.17 -1.68 -31.80
CA GLU F 46 6.01 -1.84 -32.66
C GLU F 46 5.18 -3.02 -32.19
N TRP F 47 3.88 -2.80 -32.06
CA TRP F 47 2.97 -3.85 -31.64
C TRP F 47 2.66 -4.80 -32.79
N ILE F 48 2.76 -6.10 -32.53
CA ILE F 48 2.52 -7.12 -33.54
C ILE F 48 1.11 -7.68 -33.43
N GLY F 49 0.75 -8.22 -32.27
CA GLY F 49 -0.58 -8.76 -32.07
C GLY F 49 -0.66 -9.50 -30.76
N LEU F 50 -1.89 -9.89 -30.42
CA LEU F 50 -2.16 -10.61 -29.20
C LEU F 50 -3.03 -11.83 -29.50
N ILE F 51 -2.86 -12.87 -28.69
CA ILE F 51 -3.61 -14.11 -28.81
C ILE F 51 -4.20 -14.46 -27.46
N ASN F 52 -5.47 -14.87 -27.45
CA ASN F 52 -6.08 -15.46 -26.28
C ASN F 52 -5.79 -16.94 -26.28
N PRO F 53 -4.95 -17.44 -25.36
CA PRO F 53 -4.56 -18.85 -25.41
C PRO F 53 -5.63 -19.83 -24.96
N TYR F 54 -6.85 -19.38 -24.69
CA TYR F 54 -7.92 -20.27 -24.27
C TYR F 54 -8.72 -20.76 -25.46
N ASN F 55 -9.30 -19.84 -26.23
CA ASN F 55 -10.03 -20.16 -27.44
C ASN F 55 -9.19 -20.07 -28.71
N GLY F 56 -8.11 -19.30 -28.69
CA GLY F 56 -7.19 -19.25 -29.80
C GLY F 56 -7.41 -18.15 -30.81
N ASP F 57 -8.25 -17.16 -30.50
CA ASP F 57 -8.52 -16.07 -31.42
C ASP F 57 -7.53 -14.93 -31.20
N THR F 58 -6.95 -14.45 -32.30
CA THR F 58 -5.87 -13.48 -32.28
C THR F 58 -6.40 -12.10 -32.69
N SER F 59 -5.46 -11.14 -32.74
CA SER F 59 -5.75 -9.80 -33.22
C SER F 59 -4.42 -9.17 -33.61
N TYR F 60 -4.22 -8.97 -34.90
CA TYR F 60 -2.93 -8.52 -35.43
C TYR F 60 -2.96 -7.04 -35.79
N ASN F 61 -1.77 -6.44 -35.81
CA ASN F 61 -1.58 -5.20 -36.55
C ASN F 61 -1.80 -5.47 -38.03
N GLN F 62 -2.37 -4.49 -38.73
CA GLN F 62 -2.59 -4.66 -40.16
C GLN F 62 -1.29 -4.64 -40.93
N LYS F 63 -0.22 -4.07 -40.38
CA LYS F 63 1.08 -4.13 -41.03
C LYS F 63 1.65 -5.54 -40.96
N PHE F 64 1.42 -6.25 -39.85
CA PHE F 64 1.95 -7.59 -39.64
C PHE F 64 0.96 -8.68 -39.98
N LYS F 65 -0.18 -8.33 -40.57
CA LYS F 65 -1.11 -9.34 -41.04
C LYS F 65 -0.54 -10.04 -42.27
N GLY F 66 -0.45 -11.37 -42.20
CA GLY F 66 0.21 -12.13 -43.23
C GLY F 66 1.70 -12.27 -43.06
N LYS F 67 2.31 -11.48 -42.18
CA LYS F 67 3.72 -11.60 -41.86
C LYS F 67 3.96 -12.38 -40.58
N ALA F 68 3.07 -12.25 -39.60
CA ALA F 68 3.17 -12.96 -38.34
C ALA F 68 1.87 -13.71 -38.05
N THR F 69 2.01 -14.95 -37.60
CA THR F 69 0.88 -15.77 -37.21
C THR F 69 1.11 -16.27 -35.79
N LEU F 70 0.10 -16.11 -34.95
CA LEU F 70 0.21 -16.39 -33.52
C LEU F 70 -0.52 -17.69 -33.20
N THR F 71 0.18 -18.63 -32.58
CA THR F 71 -0.38 -19.90 -32.16
C THR F 71 0.05 -20.18 -30.73
N VAL F 72 -0.65 -21.13 -30.11
CA VAL F 72 -0.37 -21.54 -28.74
C VAL F 72 -0.35 -23.06 -28.66
N ASP F 73 0.32 -23.56 -27.62
CA ASP F 73 0.36 -24.98 -27.31
C ASP F 73 0.09 -25.10 -25.81
N LYS F 74 -1.18 -25.31 -25.46
CA LYS F 74 -1.56 -25.33 -24.05
C LYS F 74 -0.86 -26.45 -23.29
N SER F 75 -0.47 -27.52 -23.99
CA SER F 75 0.14 -28.67 -23.33
C SER F 75 1.45 -28.28 -22.64
N SER F 76 2.30 -27.52 -23.33
CA SER F 76 3.60 -27.11 -22.80
C SER F 76 3.62 -25.65 -22.38
N SER F 77 2.47 -24.98 -22.39
CA SER F 77 2.40 -23.58 -21.97
C SER F 77 3.30 -22.69 -22.83
N THR F 78 3.45 -23.05 -24.11
CA THR F 78 4.37 -22.38 -25.01
C THR F 78 3.58 -21.65 -26.10
N ALA F 79 3.72 -20.34 -26.13
CA ALA F 79 3.15 -19.53 -27.20
C ALA F 79 4.17 -19.38 -28.32
N TYR F 80 3.67 -19.20 -29.54
CA TYR F 80 4.51 -19.15 -30.72
C TYR F 80 4.18 -17.92 -31.55
N MET F 81 5.16 -17.48 -32.32
CA MET F 81 4.95 -16.47 -33.37
C MET F 81 5.80 -16.87 -34.56
N GLU F 82 5.16 -17.07 -35.70
CA GLU F 82 5.83 -17.48 -36.92
C GLU F 82 5.90 -16.30 -37.88
N LEU F 83 7.10 -15.90 -38.24
CA LEU F 83 7.31 -14.80 -39.16
C LEU F 83 7.41 -15.35 -40.57
N LEU F 84 6.55 -14.86 -41.46
CA LEU F 84 6.45 -15.37 -42.83
C LEU F 84 7.16 -14.41 -43.78
N SER F 85 7.95 -14.99 -44.70
CA SER F 85 8.61 -14.23 -45.75
C SER F 85 9.46 -13.12 -45.16
N LEU F 86 10.48 -13.53 -44.41
CA LEU F 86 11.33 -12.57 -43.71
C LEU F 86 12.11 -11.71 -44.70
N THR F 87 12.41 -10.48 -44.26
CA THR F 87 13.12 -9.51 -45.07
C THR F 87 14.10 -8.76 -44.17
N SER F 88 14.99 -7.99 -44.77
CA SER F 88 15.93 -7.19 -43.98
C SER F 88 15.20 -6.25 -43.03
N GLU F 89 13.97 -5.86 -43.34
CA GLU F 89 13.20 -5.01 -42.45
C GLU F 89 12.80 -5.72 -41.16
N ASP F 90 12.78 -7.05 -41.15
CA ASP F 90 12.28 -7.82 -40.02
C ASP F 90 13.33 -8.11 -38.97
N SER F 91 14.55 -7.61 -39.14
CA SER F 91 15.58 -7.78 -38.13
C SER F 91 15.28 -6.89 -36.94
N ALA F 92 15.01 -7.51 -35.79
CA ALA F 92 14.60 -6.77 -34.60
C ALA F 92 14.58 -7.74 -33.43
N VAL F 93 14.11 -7.27 -32.29
CA VAL F 93 13.94 -8.07 -31.09
C VAL F 93 12.46 -8.21 -30.82
N TYR F 94 12.00 -9.45 -30.68
CA TYR F 94 10.57 -9.75 -30.56
C TYR F 94 10.29 -10.17 -29.12
N TYR F 95 9.56 -9.34 -28.39
CA TYR F 95 9.20 -9.57 -27.01
C TYR F 95 7.83 -10.23 -26.92
N CYS F 96 7.58 -10.88 -25.78
CA CYS F 96 6.28 -11.46 -25.47
C CYS F 96 5.91 -11.03 -24.06
N GLU F 97 4.92 -10.15 -23.95
CA GLU F 97 4.36 -9.75 -22.66
C GLU F 97 2.97 -10.35 -22.49
N VAL F 98 2.44 -10.22 -21.29
CA VAL F 98 1.20 -10.88 -20.92
C VAL F 98 0.18 -9.82 -20.48
N ILE F 99 0.53 -9.05 -19.46
CA ILE F 99 -0.37 -8.02 -18.94
C ILE F 99 0.33 -6.67 -19.03
N ASN F 100 1.22 -6.52 -20.01
CA ASN F 100 2.10 -5.37 -20.18
C ASN F 100 3.10 -5.23 -19.04
N THR F 101 3.11 -6.16 -18.09
CA THR F 101 3.98 -6.12 -16.92
C THR F 101 5.13 -7.10 -17.02
N TYR F 102 4.84 -8.35 -17.40
CA TYR F 102 5.84 -9.40 -17.47
C TYR F 102 6.21 -9.62 -18.93
N TRP F 103 7.47 -9.38 -19.26
CA TRP F 103 7.99 -9.49 -20.62
C TRP F 103 9.00 -10.62 -20.72
N GLY F 104 9.22 -11.07 -21.94
CA GLY F 104 10.31 -11.96 -22.24
C GLY F 104 11.62 -11.21 -22.35
N GLN F 105 12.70 -11.99 -22.52
CA GLN F 105 14.02 -11.41 -22.63
C GLN F 105 14.36 -10.92 -24.03
N GLY F 106 13.51 -11.22 -25.01
CA GLY F 106 13.74 -10.76 -26.37
C GLY F 106 14.45 -11.78 -27.24
N THR F 107 13.82 -12.13 -28.36
CA THR F 107 14.41 -13.02 -29.35
C THR F 107 15.00 -12.16 -30.47
N LEU F 108 16.31 -12.02 -30.48
CA LEU F 108 16.98 -11.25 -31.51
C LEU F 108 16.99 -12.03 -32.82
N VAL F 109 16.33 -11.47 -33.83
CA VAL F 109 16.20 -12.09 -35.14
C VAL F 109 17.08 -11.32 -36.12
N THR F 110 18.00 -12.03 -36.76
CA THR F 110 18.86 -11.45 -37.78
C THR F 110 18.51 -12.08 -39.12
N VAL F 111 17.97 -11.27 -40.02
CA VAL F 111 17.56 -11.73 -41.35
C VAL F 111 18.66 -11.33 -42.31
N SER F 112 19.61 -12.24 -42.54
CA SER F 112 20.70 -12.01 -43.46
C SER F 112 21.08 -13.32 -44.13
N ALA F 113 21.60 -13.21 -45.34
CA ALA F 113 22.13 -14.35 -46.08
C ALA F 113 23.63 -14.53 -45.86
N ALA F 114 24.24 -13.72 -45.00
CA ALA F 114 25.67 -13.77 -44.80
C ALA F 114 26.06 -15.02 -44.01
N LYS F 115 27.37 -15.26 -43.98
CA LYS F 115 27.91 -16.43 -43.31
C LYS F 115 27.97 -16.24 -41.81
N THR F 116 28.22 -17.33 -41.09
CA THR F 116 28.49 -17.31 -39.66
C THR F 116 29.99 -17.47 -39.42
N THR F 117 30.49 -16.78 -38.40
CA THR F 117 31.91 -16.80 -38.10
C THR F 117 32.13 -16.69 -36.60
N PRO F 118 32.88 -17.60 -35.98
CA PRO F 118 33.19 -17.44 -34.56
C PRO F 118 34.11 -16.26 -34.34
N PRO F 119 34.11 -15.66 -33.15
CA PRO F 119 34.96 -14.50 -32.89
C PRO F 119 36.40 -14.91 -32.64
N SER F 120 37.32 -14.28 -33.37
CA SER F 120 38.76 -14.49 -33.19
C SER F 120 39.25 -13.58 -32.07
N VAL F 121 38.98 -14.01 -30.83
CA VAL F 121 39.31 -13.19 -29.68
C VAL F 121 40.81 -12.94 -29.60
N TYR F 122 41.17 -11.77 -29.08
CA TYR F 122 42.56 -11.38 -28.89
C TYR F 122 42.70 -10.76 -27.51
N PRO F 123 43.89 -10.83 -26.92
CA PRO F 123 44.13 -10.18 -25.63
C PRO F 123 44.64 -8.76 -25.79
N LEU F 124 44.41 -7.96 -24.75
CA LEU F 124 44.86 -6.57 -24.70
C LEU F 124 45.63 -6.36 -23.40
N ALA F 125 46.92 -6.65 -23.43
CA ALA F 125 47.78 -6.40 -22.29
C ALA F 125 48.43 -5.04 -22.40
N PRO F 126 48.39 -4.21 -21.35
CA PRO F 126 49.05 -2.90 -21.44
C PRO F 126 50.53 -3.03 -21.65
N GLY F 127 51.10 -2.09 -22.40
CA GLY F 127 52.51 -2.08 -22.67
C GLY F 127 53.31 -1.64 -21.46
N SER F 128 54.64 -1.67 -21.63
CA SER F 128 55.54 -1.25 -20.57
C SER F 128 55.48 0.25 -20.32
N ALA F 129 54.82 1.01 -21.20
CA ALA F 129 54.64 2.44 -21.04
C ALA F 129 53.18 2.81 -20.78
N ALA F 130 52.45 1.93 -20.11
CA ALA F 130 51.03 2.12 -19.84
C ALA F 130 50.71 1.80 -18.39
N GLN F 131 51.64 2.11 -17.48
CA GLN F 131 51.46 1.89 -16.06
C GLN F 131 51.09 3.17 -15.31
N THR F 132 50.75 4.24 -16.04
CA THR F 132 50.42 5.51 -15.38
C THR F 132 49.25 5.34 -14.42
N ASN F 133 48.29 4.48 -14.76
CA ASN F 133 47.16 4.24 -13.88
C ASN F 133 47.61 3.51 -12.62
N SER F 134 47.08 3.93 -11.47
CA SER F 134 47.40 3.25 -10.22
C SER F 134 46.82 1.85 -10.16
N MET F 135 45.79 1.56 -10.95
CA MET F 135 45.20 0.24 -11.05
C MET F 135 45.14 -0.16 -12.52
N VAL F 136 45.71 -1.32 -12.84
CA VAL F 136 45.84 -1.74 -14.23
C VAL F 136 44.45 -2.04 -14.80
N THR F 137 44.21 -1.57 -16.01
CA THR F 137 42.98 -1.83 -16.74
C THR F 137 43.30 -2.70 -17.95
N LEU F 138 42.59 -3.82 -18.07
CA LEU F 138 42.80 -4.77 -19.14
C LEU F 138 41.57 -4.83 -20.04
N GLY F 139 41.71 -5.54 -21.15
CA GLY F 139 40.60 -5.65 -22.08
C GLY F 139 40.71 -6.87 -22.96
N CYS F 140 39.60 -7.17 -23.63
CA CYS F 140 39.49 -8.28 -24.57
C CYS F 140 38.88 -7.76 -25.86
N LEU F 141 39.52 -8.04 -26.99
CA LEU F 141 39.06 -7.58 -28.30
C LEU F 141 38.41 -8.75 -29.02
N VAL F 142 37.08 -8.74 -29.07
CA VAL F 142 36.31 -9.76 -29.77
C VAL F 142 36.12 -9.27 -31.20
N LYS F 143 36.84 -9.88 -32.14
CA LYS F 143 37.00 -9.35 -33.49
C LYS F 143 36.44 -10.31 -34.52
N GLY F 144 35.81 -9.76 -35.55
CA GLY F 144 35.44 -10.51 -36.73
C GLY F 144 34.53 -11.70 -36.47
N TYR F 145 33.29 -11.44 -36.04
CA TYR F 145 32.32 -12.49 -35.84
C TYR F 145 31.02 -12.11 -36.53
N PHE F 146 30.08 -13.05 -36.52
CA PHE F 146 28.74 -12.84 -37.07
C PHE F 146 27.84 -13.99 -36.62
N PRO F 147 26.60 -13.71 -36.20
CA PRO F 147 25.94 -12.41 -36.02
C PRO F 147 25.90 -11.98 -34.57
N GLU F 148 25.21 -10.87 -34.30
CA GLU F 148 24.94 -10.49 -32.92
C GLU F 148 24.07 -11.56 -32.27
N PRO F 149 24.23 -11.80 -30.96
CA PRO F 149 25.10 -11.16 -30.00
C PRO F 149 26.32 -11.98 -29.58
N VAL F 150 27.09 -11.43 -28.65
CA VAL F 150 28.22 -12.10 -28.04
C VAL F 150 28.20 -11.80 -26.55
N THR F 151 28.43 -12.82 -25.73
CA THR F 151 28.41 -12.69 -24.28
C THR F 151 29.85 -12.63 -23.80
N VAL F 152 30.30 -11.42 -23.47
CA VAL F 152 31.65 -11.20 -22.96
C VAL F 152 31.56 -11.08 -21.44
N THR F 153 32.21 -12.01 -20.74
CA THR F 153 32.29 -11.98 -19.30
C THR F 153 33.74 -12.23 -18.90
N TRP F 154 34.11 -11.76 -17.71
CA TRP F 154 35.48 -11.80 -17.24
C TRP F 154 35.62 -12.82 -16.13
N ASN F 155 36.56 -13.75 -16.27
CA ASN F 155 36.83 -14.79 -15.28
C ASN F 155 35.56 -15.60 -14.97
N SER F 156 34.81 -15.91 -16.03
CA SER F 156 33.64 -16.78 -15.92
C SER F 156 32.64 -16.29 -14.88
N GLY F 157 32.44 -14.98 -14.85
CA GLY F 157 31.41 -14.38 -14.01
C GLY F 157 31.91 -13.84 -12.69
N SER F 158 33.17 -14.06 -12.34
CA SER F 158 33.68 -13.54 -11.07
C SER F 158 33.64 -12.03 -11.03
N LEU F 159 34.04 -11.39 -12.13
CA LEU F 159 34.07 -9.93 -12.23
C LEU F 159 32.78 -9.45 -12.87
N SER F 160 31.88 -8.91 -12.05
CA SER F 160 30.63 -8.34 -12.51
C SER F 160 30.53 -6.84 -12.25
N SER F 161 31.59 -6.23 -11.70
CA SER F 161 31.62 -4.80 -11.42
C SER F 161 32.89 -4.21 -11.98
N GLY F 162 32.83 -2.93 -12.34
CA GLY F 162 33.97 -2.27 -12.94
C GLY F 162 34.35 -2.85 -14.29
N VAL F 163 33.36 -3.26 -15.07
CA VAL F 163 33.58 -3.86 -16.38
C VAL F 163 32.77 -3.07 -17.40
N HIS F 164 33.41 -2.69 -18.50
CA HIS F 164 32.75 -1.99 -19.60
C HIS F 164 32.78 -2.87 -20.83
N THR F 165 31.60 -3.13 -21.40
CA THR F 165 31.46 -3.85 -22.66
C THR F 165 30.95 -2.87 -23.70
N PHE F 166 31.76 -2.60 -24.72
CA PHE F 166 31.44 -1.58 -25.70
C PHE F 166 30.63 -2.20 -26.83
N PRO F 167 29.44 -1.68 -27.16
CA PRO F 167 28.63 -2.29 -28.22
C PRO F 167 29.41 -2.57 -29.50
N ALA F 168 28.94 -3.55 -30.27
CA ALA F 168 29.61 -3.91 -31.50
C ALA F 168 29.37 -2.86 -32.58
N VAL F 169 30.20 -2.91 -33.62
CA VAL F 169 30.11 -2.03 -34.77
C VAL F 169 30.17 -2.89 -36.02
N LEU F 170 29.05 -3.01 -36.72
CA LEU F 170 29.01 -3.81 -37.93
C LEU F 170 29.82 -3.15 -39.04
N GLN F 171 30.86 -3.83 -39.51
CA GLN F 171 31.68 -3.34 -40.60
C GLN F 171 32.13 -4.52 -41.44
N SER F 172 32.01 -4.39 -42.76
CA SER F 172 32.44 -5.43 -43.69
C SER F 172 31.75 -6.76 -43.39
N ASP F 173 30.47 -6.68 -43.02
CA ASP F 173 29.62 -7.84 -42.75
C ASP F 173 30.07 -8.61 -41.52
N LEU F 174 30.98 -8.06 -40.71
CA LEU F 174 31.47 -8.72 -39.52
C LEU F 174 31.46 -7.73 -38.35
N TYR F 175 30.92 -8.16 -37.22
CA TYR F 175 30.84 -7.32 -36.04
C TYR F 175 32.18 -7.29 -35.31
N THR F 176 32.28 -6.38 -34.36
CA THR F 176 33.51 -6.19 -33.59
C THR F 176 33.18 -5.40 -32.34
N LEU F 177 33.50 -5.96 -31.16
CA LEU F 177 33.31 -5.25 -29.90
C LEU F 177 34.54 -5.44 -29.02
N SER F 178 34.74 -4.49 -28.12
CA SER F 178 35.80 -4.54 -27.13
C SER F 178 35.20 -4.58 -25.74
N SER F 179 36.02 -5.01 -24.79
CA SER F 179 35.63 -5.06 -23.38
C SER F 179 36.82 -4.65 -22.54
N SER F 180 36.54 -3.99 -21.43
CA SER F 180 37.58 -3.48 -20.55
C SER F 180 37.25 -3.83 -19.10
N VAL F 181 38.28 -4.17 -18.35
CA VAL F 181 38.15 -4.46 -16.92
C VAL F 181 39.24 -3.69 -16.19
N THR F 182 38.87 -3.03 -15.10
CA THR F 182 39.79 -2.24 -14.30
C THR F 182 39.98 -2.93 -12.96
N VAL F 183 41.17 -3.45 -12.72
CA VAL F 183 41.46 -4.18 -11.48
C VAL F 183 42.70 -3.55 -10.84
N PRO F 184 42.88 -3.73 -9.54
CA PRO F 184 44.03 -3.11 -8.87
C PRO F 184 45.35 -3.56 -9.46
N SER F 185 46.33 -2.64 -9.46
CA SER F 185 47.65 -2.95 -9.99
C SER F 185 48.32 -4.07 -9.20
N SER F 186 47.90 -4.31 -7.96
CA SER F 186 48.41 -5.42 -7.16
C SER F 186 47.65 -6.70 -7.40
N THR F 187 46.65 -6.69 -8.29
CA THR F 187 45.85 -7.88 -8.57
C THR F 187 46.29 -8.59 -9.84
N TRP F 188 46.93 -7.90 -10.78
CA TRP F 188 47.37 -8.50 -12.02
C TRP F 188 48.82 -8.09 -12.27
N PRO F 189 49.71 -9.03 -12.66
CA PRO F 189 49.46 -10.45 -12.93
C PRO F 189 49.42 -11.28 -11.66
N SER F 190 49.14 -10.67 -10.51
CA SER F 190 49.05 -11.43 -9.27
C SER F 190 47.92 -12.44 -9.31
N GLU F 191 46.78 -12.06 -9.89
CA GLU F 191 45.62 -12.93 -10.03
C GLU F 191 45.29 -13.08 -11.51
N THR F 192 44.90 -14.29 -11.89
CA THR F 192 44.64 -14.59 -13.29
C THR F 192 43.45 -13.80 -13.81
N VAL F 193 43.52 -13.42 -15.07
CA VAL F 193 42.47 -12.69 -15.76
C VAL F 193 42.10 -13.45 -17.03
N THR F 194 40.80 -13.61 -17.27
CA THR F 194 40.33 -14.33 -18.44
C THR F 194 39.04 -13.71 -18.93
N CYS F 195 38.97 -13.44 -20.23
CA CYS F 195 37.77 -12.93 -20.88
C CYS F 195 37.10 -14.10 -21.59
N ASN F 196 36.07 -14.67 -20.97
CA ASN F 196 35.37 -15.82 -21.54
C ASN F 196 34.22 -15.31 -22.41
N VAL F 197 34.44 -15.32 -23.72
CA VAL F 197 33.39 -14.98 -24.67
C VAL F 197 32.53 -16.21 -24.92
N ALA F 198 31.28 -15.99 -25.33
CA ALA F 198 30.34 -17.07 -25.63
C ALA F 198 29.49 -16.63 -26.81
N HIS F 199 29.90 -17.02 -28.00
CA HIS F 199 29.13 -16.73 -29.21
C HIS F 199 28.11 -17.85 -29.43
N PRO F 200 26.81 -17.56 -29.32
CA PRO F 200 25.83 -18.66 -29.38
C PRO F 200 25.61 -19.22 -30.78
N ALA F 201 25.55 -18.35 -31.80
CA ALA F 201 25.17 -18.81 -33.14
C ALA F 201 26.10 -19.90 -33.65
N SER F 202 27.37 -19.86 -33.28
CA SER F 202 28.35 -20.85 -33.72
C SER F 202 28.73 -21.83 -32.62
N SER F 203 28.10 -21.73 -31.46
CA SER F 203 28.41 -22.61 -30.33
C SER F 203 29.90 -22.56 -30.00
N THR F 204 30.37 -21.35 -29.71
CA THR F 204 31.78 -21.10 -29.44
C THR F 204 31.92 -20.40 -28.10
N LYS F 205 32.82 -20.92 -27.25
CA LYS F 205 33.10 -20.35 -25.93
C LYS F 205 34.61 -20.30 -25.76
N VAL F 206 35.22 -19.19 -26.17
CA VAL F 206 36.65 -19.00 -26.04
C VAL F 206 36.94 -18.32 -24.71
N ASP F 207 37.84 -18.90 -23.93
CA ASP F 207 38.24 -18.38 -22.63
C ASP F 207 39.71 -17.99 -22.73
N LYS F 208 39.95 -16.75 -23.13
CA LYS F 208 41.30 -16.24 -23.36
C LYS F 208 41.76 -15.44 -22.15
N LYS F 209 43.01 -15.65 -21.76
CA LYS F 209 43.62 -14.96 -20.62
C LYS F 209 44.71 -14.02 -21.12
N ILE F 210 44.81 -12.86 -20.48
CA ILE F 210 45.75 -11.83 -20.89
C ILE F 210 47.10 -12.08 -20.23
N VAL F 211 48.15 -12.04 -21.03
CA VAL F 211 49.53 -12.24 -20.57
C VAL F 211 50.28 -10.93 -20.76
N PRO F 212 51.04 -10.45 -19.76
CA PRO F 212 51.79 -9.21 -19.96
C PRO F 212 52.76 -9.32 -21.12
N ARG F 213 52.90 -8.21 -21.85
CA ARG F 213 53.81 -8.15 -22.99
C ARG F 213 55.25 -8.23 -22.52
C10 A1H7W G . -47.14 -3.11 7.42
N12 A1H7W G . -44.41 -4.47 5.12
C13 A1H7W G . -43.41 -3.84 4.20
C15 A1H7W G . -42.04 -6.13 3.94
C17 A1H7W G . -43.69 -5.56 5.83
C20 A1H7W G . -39.71 -7.00 4.73
C21 A1H7W G . -39.24 -7.87 3.71
C22 A1H7W G . -38.27 -8.90 3.94
C26 A1H7W G . -37.72 -9.86 2.88
C01 A1H7W G . -47.93 -0.59 10.86
C02 A1H7W G . -47.16 -0.11 9.63
C03 A1H7W G . -47.00 1.43 9.71
C04 A1H7W G . -47.75 -0.67 8.27
C05 A1H7W G . -46.90 -1.70 7.45
C06 A1H7W G . -45.79 -1.31 6.66
C08 A1H7W G . -45.30 -3.54 5.94
C11 A1H7W G . -48.28 -3.75 8.20
C14 A1H7W G . -42.67 -4.86 3.26
C16 A1H7W G . -43.11 -6.65 4.90
C19 A1H7W G . -40.39 -4.55 5.06
C23 A1H7W G . -37.82 -8.98 5.25
C29 A1H7W G . -36.00 -11.62 2.15
C30 A1H7W G . -34.52 -11.89 2.44
C32 A1H7W G . -33.30 -11.05 0.63
C33 A1H7W G . -32.00 -11.85 0.78
C34 A1H7W G . -31.57 -11.74 2.24
C35 A1H7W G . -32.47 -10.62 2.80
C36 A1H7W G . -45.39 0.15 6.58
N07 A1H7W G . -45.02 -2.19 5.93
N09 A1H7W G . -46.37 -3.99 6.69
N18 A1H7W G . -40.69 -5.93 4.59
N24 A1H7W G . -38.29 -8.13 6.22
N25 A1H7W G . -39.17 -7.20 6.00
N28 A1H7W G . -36.58 -10.67 3.12
N31 A1H7W G . -33.75 -10.66 2.01
O27 A1H7W G . -38.29 -9.91 1.82
C10 A1H7W H . -34.31 -16.67 -28.86
N12 A1H7W H . -33.85 -14.54 -25.73
C13 A1H7W H . -33.24 -14.76 -24.38
C15 A1H7W H . -33.29 -12.15 -23.78
C17 A1H7W H . -33.44 -13.16 -26.15
C20 A1H7W H . -31.49 -10.28 -23.49
C21 A1H7W H . -31.97 -9.41 -22.47
C22 A1H7W H . -31.56 -8.04 -22.34
C26 A1H7W H . -32.05 -7.07 -21.27
C01 A1H7W H . -32.22 -18.88 -31.97
C02 A1H7W H . -32.00 -19.11 -30.47
C03 A1H7W H . -31.18 -20.41 -30.29
C04 A1H7W H . -33.33 -19.01 -29.61
C05 A1H7W H . -33.50 -17.83 -28.63
C06 A1H7W H . -32.84 -17.78 -27.36
C08 A1H7W H . -33.76 -15.65 -26.76
C11 A1H7W H . -35.11 -16.49 -30.15
C14 A1H7W H . -33.54 -13.63 -23.32
C16 A1H7W H . -33.89 -12.04 -25.18
C19 A1H7W H . -30.81 -12.72 -23.81
C23 A1H7W H . -30.63 -7.64 -23.29
C29 A1H7W H . -31.81 -4.83 -20.02
C30 A1H7W H . -30.65 -3.92 -19.62
C32 A1H7W H . -30.20 -4.35 -17.37
C33 A1H7W H . -29.47 -3.06 -16.98
C34 A1H7W H . -28.41 -2.82 -18.05
C35 A1H7W H . -28.36 -4.13 -18.83
C36 A1H7W H . -31.94 -18.93 -26.93
N07 A1H7W H . -32.96 -16.74 -26.46
N09 A1H7W H . -34.44 -15.62 -27.97
N18 A1H7W H . -31.85 -11.67 -23.70
N24 A1H7W H . -30.19 -8.48 -24.26
N25 A1H7W H . -30.57 -9.72 -24.37
N28 A1H7W H . -31.41 -5.82 -21.03
N31 A1H7W H . -29.73 -4.74 -18.73
O27 A1H7W H . -33.02 -7.39 -20.60
#